data_5A7V
#
_entry.id   5A7V
#
_cell.length_a   75.767
_cell.length_b   118.110
_cell.length_c   126.586
_cell.angle_alpha   90.00
_cell.angle_beta   90.00
_cell.angle_gamma   90.00
#
_symmetry.space_group_name_H-M   'P 21 2 21'
#
loop_
_entity.id
_entity.type
_entity.pdbx_description
1 polymer 'PUTATIVE GLYCOSIDASE PH117-RELATED'
2 polymer 'PUTATIVE GLYCOSIDASE PH117-RELATED'
3 non-polymer beta-D-mannopyranose
4 non-polymer alpha-D-mannopyranose
5 non-polymer 'SULFATE ION'
6 water water
#
loop_
_entity_poly.entity_id
_entity_poly.type
_entity_poly.pdbx_seq_one_letter_code
_entity_poly.pdbx_strand_id
1 'polypeptide(L)'
;MGSSHHHHHHSSGLVPRGSH(UNK)ASGQPSNDKKNVLPDWAFGGFERPQGANPVISPIENTKFYCPMTQDYVAWESNDT
FNPAATLHDGKIVVLYRAEDKSGVGIGHRTSRLGYATSSDGIHFKREKTPVFYPDNDTQKKLEWPGGCEDPRIAVTAEGL
YVMTYTQWNRHIPRLAIATSRNLKDWTKHGPAFAKAYDGKFFNLGCKSGSILTEVVNGKQVIKKIDGKYFMYWGEEHVFA
ATSEDLVNWTPYVNTDGSLRKLFSPRDGHFDSQLTECGPPAIYTPKGIVLLYNGKNSASRGDKRYTANVYAAGQALFDAN
DPTRFITRLDEPFFRPMDSFEKSGQYVDGTVFIEGMVYYKDKWYLYYGCADSKVGMAIYNPKKPAAADPLPA
;
A
2 'polypeptide(L)'
;MGSSHHHHHHSSGLVPRGSHMASGQPSNDKKNVLPDWAFGGFERPQGANPVISPIENTKFYCPMTQDYVAWESNDTFNPA
ATLHDGKIVVLYRAEDKSGVGIGHRTSRLGYATSSDGIHFKREKTPVFYPDNDTQKKLEWPGGCEDPRIAVTAEGLYVMT
YTQWNRHIPRLAIATSRNLKDWTKHGPAFAKAYDGKFFNLGCKSGSILTEVVNGKQVIKKIDGKYFMYWGEEHVFAATSE
DLVNWTPYVNTDGSLRKLFSPRDGHFDSQLTECGPPAIYTPKGIVLLYNGKNSASRGDKRYTANVYAAGQALFDANDPTR
FITRLDEPFFRPMDSFEKSGQYVDGTVFIEGMVYYKDKWYLYYGCADSKVGMAIYNPKKPAAADPLPA
;
B
#
loop_
_chem_comp.id
_chem_comp.type
_chem_comp.name
_chem_comp.formula
BMA D-saccharide, beta linking beta-D-mannopyranose 'C6 H12 O6'
MAN D-saccharide, alpha linking alpha-D-mannopyranose 'C6 H12 O6'
SO4 non-polymer 'SULFATE ION' 'O4 S -2'
#
# COMPACT_ATOMS: atom_id res chain seq x y z
N UNK A 21 -23.15 -13.79 -29.46
CA UNK A 21 -21.96 -14.07 -30.30
C UNK A 21 -20.93 -12.93 -30.11
N ALA A 22 -19.68 -13.28 -29.79
CA ALA A 22 -18.60 -12.30 -29.78
C ALA A 22 -18.37 -11.71 -31.16
N SER A 23 -17.86 -10.48 -31.18
CA SER A 23 -17.58 -9.73 -32.41
C SER A 23 -16.10 -9.51 -32.68
N GLY A 24 -15.24 -9.79 -31.69
CA GLY A 24 -13.79 -9.70 -31.89
C GLY A 24 -13.29 -8.28 -32.02
N GLN A 25 -13.86 -7.35 -31.25
CA GLN A 25 -13.44 -5.93 -31.32
C GLN A 25 -12.16 -5.70 -30.52
N PRO A 26 -11.16 -5.04 -31.12
CA PRO A 26 -9.92 -4.80 -30.35
C PRO A 26 -10.11 -4.10 -29.03
N SER A 27 -11.03 -3.12 -28.99
CA SER A 27 -11.14 -2.32 -27.77
C SER A 27 -11.83 -3.08 -26.63
N ASN A 28 -12.35 -4.29 -26.92
CA ASN A 28 -12.84 -5.19 -25.88
C ASN A 28 -11.90 -6.34 -25.55
N ASP A 29 -10.68 -6.32 -26.09
CA ASP A 29 -9.77 -7.44 -25.93
C ASP A 29 -9.12 -7.49 -24.54
N LYS A 30 -8.39 -8.56 -24.30
CA LYS A 30 -7.87 -8.88 -22.97
C LYS A 30 -6.38 -8.54 -22.82
N LYS A 31 -5.93 -7.51 -23.53
CA LYS A 31 -4.52 -7.09 -23.40
C LYS A 31 -4.19 -6.71 -21.97
N ASN A 32 -2.92 -6.97 -21.61
CA ASN A 32 -2.36 -6.66 -20.29
C ASN A 32 -1.07 -5.89 -20.51
N VAL A 33 -1.19 -4.57 -20.65
CA VAL A 33 -0.04 -3.74 -21.04
C VAL A 33 0.87 -3.48 -19.83
N LEU A 34 2.18 -3.60 -20.06
CA LEU A 34 3.19 -3.38 -19.02
C LEU A 34 3.74 -1.98 -19.04
N PRO A 35 4.08 -1.43 -17.86
CA PRO A 35 4.86 -0.17 -17.89
C PRO A 35 6.28 -0.42 -18.46
N ASP A 36 6.94 0.67 -18.85
CA ASP A 36 8.26 0.58 -19.51
CA ASP A 36 8.25 0.57 -19.52
C ASP A 36 9.35 -0.09 -18.66
N TRP A 37 9.19 -0.02 -17.33
CA TRP A 37 10.22 -0.52 -16.38
C TRP A 37 10.16 -2.02 -16.11
N ALA A 38 9.02 -2.63 -16.48
CA ALA A 38 8.74 -4.02 -16.10
C ALA A 38 9.29 -5.04 -17.09
N PHE A 39 9.75 -6.15 -16.55
CA PHE A 39 10.20 -7.28 -17.39
C PHE A 39 9.02 -8.01 -18.01
N GLY A 40 9.19 -8.43 -19.27
CA GLY A 40 8.19 -9.27 -19.92
C GLY A 40 7.73 -8.76 -21.25
N GLY A 41 6.84 -9.50 -21.90
CA GLY A 41 6.28 -10.76 -21.38
C GLY A 41 7.23 -11.95 -21.46
N PHE A 42 6.96 -12.95 -20.61
CA PHE A 42 7.67 -14.22 -20.60
C PHE A 42 6.83 -15.28 -21.31
N GLU A 43 7.33 -15.78 -22.44
CA GLU A 43 6.59 -16.71 -23.26
C GLU A 43 7.03 -18.14 -22.94
N ARG A 44 6.07 -19.02 -22.68
CA ARG A 44 6.31 -20.44 -22.47
C ARG A 44 6.66 -21.07 -23.83
N PRO A 45 7.78 -21.77 -23.92
CA PRO A 45 8.06 -22.34 -25.26
C PRO A 45 7.10 -23.49 -25.60
N GLN A 46 6.69 -23.53 -26.84
CA GLN A 46 5.64 -24.43 -27.30
C GLN A 46 6.02 -25.84 -26.92
N GLY A 47 5.15 -26.48 -26.16
CA GLY A 47 5.37 -27.89 -25.90
C GLY A 47 6.38 -28.27 -24.85
N ALA A 48 7.11 -27.29 -24.31
CA ALA A 48 8.25 -27.57 -23.43
C ALA A 48 7.79 -27.95 -22.02
N ASN A 49 6.84 -27.20 -21.50
CA ASN A 49 6.53 -27.36 -20.10
C ASN A 49 5.63 -28.54 -19.82
N PRO A 50 5.74 -29.14 -18.63
CA PRO A 50 6.74 -28.83 -17.60
C PRO A 50 8.14 -29.34 -17.95
N VAL A 51 9.15 -28.59 -17.54
CA VAL A 51 10.52 -28.97 -17.89
C VAL A 51 11.10 -29.96 -16.90
N ILE A 52 10.64 -29.97 -15.64
CA ILE A 52 11.07 -30.94 -14.63
C ILE A 52 9.82 -31.50 -13.93
N SER A 53 9.69 -32.82 -13.96
CA SER A 53 8.60 -33.55 -13.34
C SER A 53 9.16 -34.62 -12.40
N PRO A 54 8.35 -35.12 -11.46
CA PRO A 54 8.80 -36.20 -10.59
C PRO A 54 9.27 -37.45 -11.32
N ILE A 55 10.20 -38.15 -10.69
CA ILE A 55 10.67 -39.45 -11.20
C ILE A 55 10.53 -40.41 -10.03
N GLU A 56 9.90 -41.53 -10.34
CA GLU A 56 9.54 -42.51 -9.30
CA GLU A 56 9.50 -42.58 -9.42
CA GLU A 56 9.51 -42.55 -9.38
C GLU A 56 10.69 -43.39 -8.85
N ASN A 57 11.60 -43.75 -9.75
CA ASN A 57 12.60 -44.80 -9.50
C ASN A 57 13.94 -44.36 -8.96
N THR A 58 14.18 -43.05 -8.91
CA THR A 58 15.46 -42.56 -8.46
C THR A 58 15.50 -42.54 -6.94
N LYS A 59 16.43 -43.25 -6.36
CA LYS A 59 16.51 -43.37 -4.91
C LYS A 59 17.79 -42.66 -4.41
N PHE A 60 17.73 -42.27 -3.16
CA PHE A 60 18.79 -41.57 -2.42
C PHE A 60 18.92 -42.23 -1.08
N TYR A 61 20.16 -42.53 -0.63
CA TYR A 61 20.34 -42.95 0.77
C TYR A 61 20.31 -41.73 1.66
N CYS A 62 19.23 -41.55 2.39
CA CYS A 62 19.02 -40.36 3.19
C CYS A 62 19.88 -40.53 4.46
N PRO A 63 20.78 -39.56 4.72
CA PRO A 63 21.64 -39.70 5.90
C PRO A 63 20.92 -39.48 7.21
N MET A 64 19.71 -38.91 7.16
CA MET A 64 18.86 -38.84 8.34
C MET A 64 18.09 -40.11 8.64
N THR A 65 17.48 -40.65 7.61
CA THR A 65 16.62 -41.84 7.68
C THR A 65 17.46 -43.13 7.80
N GLN A 66 18.67 -43.10 7.21
CA GLN A 66 19.52 -44.29 7.05
C GLN A 66 18.87 -45.36 6.21
N ASP A 67 18.23 -44.94 5.13
CA ASP A 67 17.66 -45.88 4.14
CA ASP A 67 17.72 -45.87 4.14
C ASP A 67 17.38 -45.11 2.88
N TYR A 68 17.09 -45.86 1.83
CA TYR A 68 16.83 -45.32 0.53
C TYR A 68 15.42 -44.75 0.47
N VAL A 69 15.34 -43.53 -0.05
CA VAL A 69 14.07 -42.85 -0.24
C VAL A 69 13.94 -42.42 -1.70
N ALA A 70 12.70 -42.47 -2.23
CA ALA A 70 12.42 -41.98 -3.57
C ALA A 70 12.20 -40.46 -3.47
N TRP A 71 13.34 -39.76 -3.45
CA TRP A 71 13.41 -38.36 -3.05
C TRP A 71 12.73 -37.36 -3.96
N GLU A 72 12.43 -37.75 -5.19
CA GLU A 72 11.76 -36.84 -6.13
C GLU A 72 10.52 -37.46 -6.77
N SER A 73 9.91 -38.37 -6.02
CA SER A 73 8.83 -39.16 -6.55
C SER A 73 7.47 -38.49 -6.44
N ASN A 74 7.31 -37.50 -5.57
CA ASN A 74 5.98 -36.90 -5.36
C ASN A 74 5.76 -35.66 -6.21
N ASP A 75 6.68 -34.67 -6.08
CA ASP A 75 6.49 -33.34 -6.64
C ASP A 75 7.87 -32.69 -6.81
N THR A 76 8.06 -31.97 -7.92
CA THR A 76 9.31 -31.27 -8.19
C THR A 76 8.94 -29.84 -8.62
N PHE A 77 9.33 -28.82 -7.86
CA PHE A 77 8.73 -27.49 -8.01
C PHE A 77 9.71 -26.43 -7.50
N ASN A 78 9.20 -25.23 -7.24
CA ASN A 78 9.88 -24.08 -6.60
C ASN A 78 11.40 -24.09 -6.71
N PRO A 79 11.88 -23.66 -7.89
CA PRO A 79 13.30 -23.83 -8.23
C PRO A 79 14.12 -22.57 -8.10
N ALA A 80 15.42 -22.74 -7.78
CA ALA A 80 16.42 -21.69 -8.01
C ALA A 80 17.01 -21.89 -9.39
N ALA A 81 17.60 -20.84 -9.94
CA ALA A 81 18.26 -20.93 -11.23
C ALA A 81 19.44 -19.98 -11.23
N THR A 82 20.51 -20.42 -11.88
CA THR A 82 21.73 -19.60 -12.01
C THR A 82 22.49 -19.98 -13.28
N LEU A 83 23.61 -19.28 -13.47
CA LEU A 83 24.58 -19.54 -14.54
C LEU A 83 25.82 -20.15 -13.92
N HIS A 84 26.30 -21.23 -14.52
CA HIS A 84 27.57 -21.84 -14.10
C HIS A 84 28.24 -22.53 -15.27
N ASP A 85 29.50 -22.18 -15.48
CA ASP A 85 30.32 -22.81 -16.52
C ASP A 85 29.58 -22.79 -17.90
N GLY A 86 28.92 -21.67 -18.21
CA GLY A 86 28.35 -21.49 -19.53
C GLY A 86 26.98 -22.16 -19.72
N LYS A 87 26.40 -22.71 -18.65
CA LYS A 87 25.11 -23.38 -18.72
C LYS A 87 24.15 -22.81 -17.70
N ILE A 88 22.85 -23.01 -17.96
CA ILE A 88 21.83 -22.78 -16.94
C ILE A 88 21.82 -23.98 -16.00
N VAL A 89 21.83 -23.70 -14.70
CA VAL A 89 21.72 -24.69 -13.65
C VAL A 89 20.47 -24.39 -12.83
N VAL A 90 19.65 -25.41 -12.63
CA VAL A 90 18.48 -25.31 -11.80
C VAL A 90 18.65 -26.22 -10.59
N LEU A 91 18.33 -25.70 -9.41
CA LEU A 91 18.17 -26.50 -8.18
C LEU A 91 16.68 -26.51 -7.84
N TYR A 92 16.08 -27.67 -7.99
CA TYR A 92 14.61 -27.81 -7.86
C TYR A 92 14.24 -28.40 -6.51
N ARG A 93 13.15 -27.87 -5.92
CA ARG A 93 12.60 -28.45 -4.70
C ARG A 93 11.95 -29.79 -5.05
N ALA A 94 12.35 -30.86 -4.40
CA ALA A 94 11.84 -32.19 -4.63
C ALA A 94 11.31 -32.76 -3.34
N GLU A 95 10.11 -33.34 -3.41
CA GLU A 95 9.46 -33.98 -2.27
C GLU A 95 9.29 -35.48 -2.48
N ASP A 96 9.55 -36.21 -1.38
CA ASP A 96 9.33 -37.67 -1.29
C ASP A 96 7.89 -37.97 -0.84
N LYS A 97 7.63 -39.24 -0.53
CA LYS A 97 6.27 -39.68 -0.14
C LYS A 97 6.18 -39.99 1.37
N SER A 98 6.96 -39.20 2.15
CA SER A 98 7.02 -39.42 3.60
C SER A 98 5.87 -38.83 4.39
N GLY A 99 4.98 -38.13 3.68
CA GLY A 99 3.73 -37.67 4.30
C GLY A 99 2.79 -37.20 3.22
N VAL A 100 1.56 -36.91 3.61
CA VAL A 100 0.49 -36.57 2.63
C VAL A 100 0.26 -35.07 2.34
N GLY A 101 -0.03 -34.34 3.39
CA GLY A 101 -0.39 -32.94 3.25
C GLY A 101 0.75 -32.00 2.86
N ILE A 102 0.37 -30.78 2.56
CA ILE A 102 1.31 -29.73 2.19
C ILE A 102 2.21 -29.45 3.39
N GLY A 103 3.54 -29.49 3.13
CA GLY A 103 4.52 -29.32 4.18
C GLY A 103 4.79 -30.54 5.05
N HIS A 104 4.19 -31.68 4.70
CA HIS A 104 4.34 -32.91 5.48
C HIS A 104 5.28 -33.91 4.86
N ARG A 105 5.97 -33.52 3.79
CA ARG A 105 6.99 -34.39 3.19
C ARG A 105 8.38 -33.89 3.61
N THR A 106 9.42 -34.48 3.05
CA THR A 106 10.79 -33.93 3.22
C THR A 106 11.22 -33.35 1.86
N SER A 107 11.65 -32.09 1.88
CA SER A 107 12.16 -31.40 0.71
C SER A 107 13.69 -31.50 0.65
N ARG A 108 14.17 -31.82 -0.54
CA ARG A 108 15.60 -31.90 -0.85
C ARG A 108 15.77 -31.26 -2.24
N LEU A 109 16.96 -30.71 -2.53
CA LEU A 109 17.15 -30.02 -3.79
C LEU A 109 17.84 -30.89 -4.84
N GLY A 110 17.20 -31.03 -5.99
CA GLY A 110 17.77 -31.66 -7.16
C GLY A 110 18.63 -30.68 -7.95
N TYR A 111 19.46 -31.22 -8.84
CA TYR A 111 20.41 -30.45 -9.65
C TYR A 111 20.25 -30.81 -11.11
N ALA A 112 20.11 -29.83 -11.97
CA ALA A 112 19.93 -30.07 -13.40
C ALA A 112 20.64 -28.97 -14.20
N THR A 113 21.19 -29.35 -15.36
CA THR A 113 21.90 -28.42 -16.20
CA THR A 113 21.96 -28.47 -16.21
C THR A 113 21.34 -28.42 -17.61
N SER A 114 21.44 -27.27 -18.27
CA SER A 114 20.90 -27.14 -19.64
C SER A 114 21.68 -26.09 -20.45
N SER A 115 21.88 -26.35 -21.74
CA SER A 115 22.47 -25.36 -22.66
CA SER A 115 22.48 -25.36 -22.65
C SER A 115 21.42 -24.54 -23.38
N ASP A 116 20.14 -24.96 -23.35
CA ASP A 116 19.06 -24.18 -24.01
C ASP A 116 17.96 -23.70 -23.05
N GLY A 117 18.12 -23.99 -21.75
CA GLY A 117 17.12 -23.60 -20.76
C GLY A 117 15.84 -24.42 -20.71
N ILE A 118 15.75 -25.43 -21.63
CA ILE A 118 14.49 -26.18 -21.79
C ILE A 118 14.73 -27.67 -21.54
N HIS A 119 15.78 -28.22 -22.15
CA HIS A 119 16.14 -29.63 -22.00
C HIS A 119 17.24 -29.77 -20.97
N PHE A 120 16.97 -30.55 -19.95
CA PHE A 120 17.88 -30.65 -18.81
C PHE A 120 18.48 -32.05 -18.63
N LYS A 121 19.72 -32.07 -18.12
CA LYS A 121 20.36 -33.30 -17.65
C LYS A 121 20.32 -33.24 -16.13
N ARG A 122 19.55 -34.14 -15.53
CA ARG A 122 19.36 -34.18 -14.08
C ARG A 122 20.28 -35.15 -13.42
N GLU A 123 20.78 -34.80 -12.24
CA GLU A 123 21.47 -35.77 -11.42
C GLU A 123 20.46 -36.69 -10.70
N LYS A 124 20.88 -37.91 -10.43
CA LYS A 124 19.96 -38.95 -9.87
C LYS A 124 19.80 -38.91 -8.36
N THR A 125 20.62 -38.09 -7.71
CA THR A 125 20.53 -37.89 -6.26
C THR A 125 20.56 -36.36 -5.97
N PRO A 126 20.01 -35.96 -4.83
CA PRO A 126 19.95 -34.50 -4.52
C PRO A 126 21.34 -33.96 -4.14
N VAL A 127 21.47 -32.64 -4.21
CA VAL A 127 22.72 -31.94 -3.87
CA VAL A 127 22.72 -32.00 -3.86
C VAL A 127 22.64 -31.22 -2.55
N PHE A 128 21.44 -31.03 -1.97
CA PHE A 128 21.28 -30.24 -0.75
C PHE A 128 20.10 -30.83 0.01
N TYR A 129 20.28 -31.12 1.30
CA TYR A 129 19.30 -31.91 2.04
C TYR A 129 19.56 -31.85 3.52
N PRO A 130 18.61 -32.22 4.36
CA PRO A 130 18.86 -32.28 5.80
C PRO A 130 19.85 -33.41 6.13
N ASP A 131 20.74 -33.15 7.08
CA ASP A 131 21.85 -34.09 7.39
C ASP A 131 22.23 -33.96 8.85
N ASN A 132 23.24 -34.74 9.23
CA ASN A 132 23.73 -34.82 10.61
C ASN A 132 24.71 -33.66 10.86
N ASP A 133 24.17 -32.45 10.89
CA ASP A 133 24.93 -31.23 10.77
C ASP A 133 24.42 -30.20 11.79
N THR A 134 24.99 -29.00 11.74
CA THR A 134 24.68 -27.95 12.69
C THR A 134 23.19 -27.53 12.64
N GLN A 135 22.50 -27.81 11.53
CA GLN A 135 21.11 -27.34 11.31
C GLN A 135 20.08 -28.42 11.57
N LYS A 136 20.42 -29.56 12.14
CA LYS A 136 19.48 -30.67 12.19
C LYS A 136 18.23 -30.34 13.00
N LYS A 137 18.31 -29.55 14.06
CA LYS A 137 17.10 -29.23 14.84
C LYS A 137 16.12 -28.32 14.07
N LEU A 138 16.66 -27.62 13.08
CA LEU A 138 15.87 -26.66 12.29
C LEU A 138 15.37 -27.21 10.95
N GLU A 139 15.94 -28.34 10.47
CA GLU A 139 15.64 -28.83 9.11
C GLU A 139 15.03 -30.24 9.09
N TRP A 140 14.92 -30.89 10.23
CA TRP A 140 14.36 -32.26 10.27
CA TRP A 140 14.35 -32.27 10.22
C TRP A 140 12.96 -32.20 10.93
N PRO A 141 11.94 -32.80 10.31
CA PRO A 141 11.96 -33.63 9.10
C PRO A 141 11.58 -32.98 7.78
N GLY A 142 11.29 -31.68 7.80
CA GLY A 142 10.74 -31.04 6.63
C GLY A 142 11.75 -30.74 5.53
N GLY A 143 13.02 -30.58 5.91
CA GLY A 143 14.11 -30.36 4.93
C GLY A 143 14.29 -28.91 4.51
N CYS A 144 14.69 -28.76 3.26
CA CYS A 144 15.26 -27.52 2.73
C CYS A 144 14.43 -27.15 1.52
N GLU A 145 13.74 -26.01 1.60
CA GLU A 145 12.69 -25.65 0.63
C GLU A 145 13.02 -24.37 -0.12
N ASP A 146 12.49 -24.25 -1.33
CA ASP A 146 12.30 -22.95 -1.98
C ASP A 146 13.58 -22.09 -2.10
N PRO A 147 14.59 -22.66 -2.77
CA PRO A 147 15.87 -21.94 -2.89
C PRO A 147 15.80 -20.78 -3.86
N ARG A 148 16.59 -19.74 -3.57
CA ARG A 148 16.90 -18.71 -4.54
C ARG A 148 18.43 -18.59 -4.55
N ILE A 149 19.01 -18.44 -5.75
CA ILE A 149 20.50 -18.39 -5.85
C ILE A 149 20.90 -17.13 -6.63
N ALA A 150 21.91 -16.44 -6.07
CA ALA A 150 22.60 -15.34 -6.72
C ALA A 150 24.10 -15.57 -6.54
N VAL A 151 24.93 -14.84 -7.30
CA VAL A 151 26.38 -15.09 -7.23
C VAL A 151 27.13 -13.76 -7.11
N THR A 152 28.18 -13.75 -6.29
CA THR A 152 29.00 -12.55 -6.23
C THR A 152 29.86 -12.43 -7.49
N ALA A 153 30.38 -11.23 -7.74
CA ALA A 153 31.33 -11.02 -8.83
C ALA A 153 32.62 -11.83 -8.67
N GLU A 154 32.92 -12.24 -7.45
CA GLU A 154 34.09 -13.04 -7.14
C GLU A 154 33.81 -14.56 -7.21
N GLY A 155 32.54 -14.96 -7.48
CA GLY A 155 32.20 -16.35 -7.79
C GLY A 155 31.62 -17.17 -6.65
N LEU A 156 31.19 -16.53 -5.58
CA LEU A 156 30.53 -17.23 -4.46
C LEU A 156 29.01 -17.25 -4.69
N TYR A 157 28.45 -18.45 -4.86
CA TYR A 157 26.99 -18.61 -4.90
C TYR A 157 26.44 -18.53 -3.50
N VAL A 158 25.36 -17.73 -3.38
CA VAL A 158 24.67 -17.50 -2.15
C VAL A 158 23.19 -17.96 -2.35
N MET A 159 22.81 -18.96 -1.55
CA MET A 159 21.45 -19.56 -1.59
CA MET A 159 21.46 -19.50 -1.63
C MET A 159 20.68 -19.10 -0.36
N THR A 160 19.48 -18.54 -0.60
CA THR A 160 18.52 -18.36 0.47
C THR A 160 17.48 -19.52 0.34
N TYR A 161 17.05 -20.05 1.46
CA TYR A 161 16.08 -21.17 1.45
C TYR A 161 15.36 -21.24 2.78
N THR A 162 14.30 -22.06 2.84
CA THR A 162 13.58 -22.28 4.08
C THR A 162 14.00 -23.56 4.78
N GLN A 163 14.33 -23.46 6.07
CA GLN A 163 14.50 -24.61 6.93
C GLN A 163 13.13 -24.97 7.50
N TRP A 164 12.75 -26.24 7.43
CA TRP A 164 11.46 -26.64 7.95
C TRP A 164 11.59 -27.86 8.85
N ASN A 165 11.20 -27.68 10.11
CA ASN A 165 11.21 -28.75 11.13
C ASN A 165 9.84 -29.11 11.67
N ARG A 166 8.79 -28.74 10.92
CA ARG A 166 7.37 -28.94 11.30
C ARG A 166 6.92 -28.05 12.44
N HIS A 167 7.79 -27.13 12.91
CA HIS A 167 7.40 -26.16 13.93
CA HIS A 167 7.44 -26.16 13.95
C HIS A 167 7.41 -24.73 13.40
N ILE A 168 8.58 -24.25 12.96
CA ILE A 168 8.77 -22.89 12.52
C ILE A 168 9.58 -22.93 11.20
N PRO A 169 9.09 -22.30 10.11
CA PRO A 169 9.90 -22.14 8.90
C PRO A 169 10.85 -20.98 9.08
N ARG A 170 12.14 -21.19 8.74
CA ARG A 170 13.12 -20.12 8.91
C ARG A 170 13.90 -19.86 7.60
N LEU A 171 14.05 -18.57 7.28
CA LEU A 171 14.88 -18.15 6.15
C LEU A 171 16.38 -18.33 6.52
N ALA A 172 17.06 -19.13 5.73
CA ALA A 172 18.47 -19.47 6.00
C ALA A 172 19.32 -19.29 4.79
N ILE A 173 20.66 -19.34 5.01
CA ILE A 173 21.67 -19.06 3.97
C ILE A 173 22.63 -20.25 3.85
N ALA A 174 22.95 -20.59 2.63
CA ALA A 174 24.05 -21.55 2.36
C ALA A 174 24.88 -20.97 1.22
N THR A 175 26.19 -21.33 1.23
CA THR A 175 27.09 -20.84 0.21
C THR A 175 27.91 -21.95 -0.43
N SER A 176 28.34 -21.71 -1.64
CA SER A 176 29.11 -22.70 -2.43
CA SER A 176 29.19 -22.67 -2.37
C SER A 176 29.86 -22.02 -3.56
N ARG A 177 30.98 -22.60 -3.99
CA ARG A 177 31.63 -22.14 -5.21
C ARG A 177 31.24 -22.97 -6.45
N ASN A 178 30.71 -24.17 -6.26
CA ASN A 178 30.45 -25.06 -7.37
C ASN A 178 29.02 -25.62 -7.44
N LEU A 179 28.12 -25.16 -6.57
CA LEU A 179 26.71 -25.55 -6.53
C LEU A 179 26.49 -26.99 -6.04
N LYS A 180 27.55 -27.65 -5.56
CA LYS A 180 27.51 -29.05 -5.07
C LYS A 180 27.90 -29.16 -3.62
N ASP A 181 28.98 -28.47 -3.27
CA ASP A 181 29.55 -28.53 -1.93
C ASP A 181 29.07 -27.29 -1.18
N TRP A 182 28.00 -27.45 -0.38
CA TRP A 182 27.33 -26.33 0.27
C TRP A 182 27.70 -26.25 1.75
N THR A 183 27.96 -25.04 2.22
CA THR A 183 28.12 -24.79 3.67
C THR A 183 26.86 -24.08 4.16
N LYS A 184 26.24 -24.67 5.21
CA LYS A 184 25.01 -24.14 5.84
C LYS A 184 25.44 -23.15 6.92
N HIS A 185 24.95 -21.92 6.80
CA HIS A 185 25.25 -20.86 7.77
C HIS A 185 24.17 -20.62 8.80
N GLY A 186 23.03 -21.26 8.62
CA GLY A 186 21.90 -21.11 9.54
C GLY A 186 20.97 -19.93 9.20
N PRO A 187 20.00 -19.70 10.08
CA PRO A 187 19.03 -18.62 9.86
C PRO A 187 19.66 -17.28 9.53
N ALA A 188 19.14 -16.61 8.52
CA ALA A 188 19.61 -15.29 8.12
C ALA A 188 19.53 -14.29 9.25
N PHE A 189 18.54 -14.43 10.12
CA PHE A 189 18.29 -13.44 11.18
C PHE A 189 18.63 -13.99 12.57
N ALA A 190 19.51 -15.00 12.62
CA ALA A 190 19.92 -15.55 13.93
C ALA A 190 20.58 -14.54 14.88
N LYS A 191 21.47 -13.73 14.31
CA LYS A 191 22.38 -12.93 15.13
C LYS A 191 21.86 -11.51 15.46
N ALA A 192 21.18 -10.88 14.49
CA ALA A 192 20.82 -9.47 14.62
C ALA A 192 19.99 -9.18 15.88
N TYR A 193 20.16 -7.98 16.42
CA TYR A 193 19.35 -7.52 17.54
C TYR A 193 19.37 -8.53 18.70
N ASP A 194 20.56 -9.06 19.02
CA ASP A 194 20.75 -9.99 20.13
C ASP A 194 19.84 -11.22 20.00
N GLY A 195 19.65 -11.67 18.75
CA GLY A 195 18.85 -12.86 18.47
C GLY A 195 17.35 -12.69 18.47
N LYS A 196 16.88 -11.45 18.44
CA LYS A 196 15.41 -11.20 18.50
C LYS A 196 14.59 -12.05 17.53
N PHE A 197 15.08 -12.20 16.30
CA PHE A 197 14.31 -12.87 15.23
C PHE A 197 14.76 -14.30 14.96
N PHE A 198 15.55 -14.91 15.87
CA PHE A 198 15.95 -16.31 15.64
C PHE A 198 14.72 -17.21 15.43
N ASN A 199 13.67 -16.99 16.25
CA ASN A 199 12.46 -17.80 16.19
C ASN A 199 11.38 -17.22 15.29
N LEU A 200 11.72 -16.23 14.45
CA LEU A 200 10.75 -15.67 13.51
C LEU A 200 10.44 -16.66 12.40
N GLY A 201 9.14 -16.91 12.17
CA GLY A 201 8.74 -17.67 10.99
C GLY A 201 8.87 -16.77 9.77
N CYS A 202 9.71 -17.17 8.85
CA CYS A 202 10.05 -16.38 7.69
C CYS A 202 10.55 -17.25 6.55
N LYS A 203 10.59 -16.66 5.35
CA LYS A 203 10.98 -17.34 4.12
C LYS A 203 11.06 -16.34 2.98
N SER A 204 11.57 -16.78 1.86
CA SER A 204 11.49 -16.06 0.56
C SER A 204 12.38 -14.80 0.52
N GLY A 205 13.68 -15.05 0.30
CA GLY A 205 14.69 -14.00 0.29
C GLY A 205 15.27 -13.71 -1.07
N SER A 206 15.13 -12.47 -1.54
CA SER A 206 15.55 -11.98 -2.88
C SER A 206 16.68 -10.96 -2.72
N ILE A 207 17.92 -11.45 -2.86
CA ILE A 207 19.11 -10.61 -2.80
C ILE A 207 19.16 -9.69 -4.01
N LEU A 208 19.65 -8.43 -3.79
CA LEU A 208 19.80 -7.49 -4.89
C LEU A 208 20.98 -7.85 -5.81
N THR A 209 20.75 -7.77 -7.11
CA THR A 209 21.72 -8.07 -8.16
C THR A 209 21.68 -7.00 -9.25
N GLU A 210 22.67 -7.06 -10.14
CA GLU A 210 22.77 -6.20 -11.30
C GLU A 210 23.47 -6.97 -12.41
N VAL A 211 23.10 -6.70 -13.65
CA VAL A 211 23.84 -7.24 -14.80
C VAL A 211 25.02 -6.29 -15.09
N VAL A 212 26.23 -6.82 -14.96
CA VAL A 212 27.49 -6.11 -15.16
C VAL A 212 28.29 -6.93 -16.18
N ASN A 213 28.71 -6.28 -17.27
CA ASN A 213 29.44 -6.93 -18.35
CA ASN A 213 29.45 -6.94 -18.34
C ASN A 213 28.76 -8.24 -18.76
N GLY A 214 27.42 -8.17 -18.86
CA GLY A 214 26.61 -9.29 -19.32
C GLY A 214 26.33 -10.40 -18.36
N LYS A 215 26.77 -10.26 -17.11
CA LYS A 215 26.60 -11.27 -16.08
C LYS A 215 25.89 -10.69 -14.88
N GLN A 216 24.87 -11.41 -14.41
CA GLN A 216 24.11 -11.01 -13.23
C GLN A 216 24.86 -11.37 -11.94
N VAL A 217 25.20 -10.34 -11.17
CA VAL A 217 26.02 -10.52 -9.96
C VAL A 217 25.38 -9.72 -8.81
N ILE A 218 25.65 -10.18 -7.58
CA ILE A 218 25.19 -9.51 -6.37
C ILE A 218 25.68 -8.06 -6.36
N LYS A 219 24.85 -7.12 -5.94
CA LYS A 219 25.13 -5.69 -5.97
C LYS A 219 25.06 -5.08 -4.59
N LYS A 220 26.13 -4.39 -4.18
CA LYS A 220 26.06 -3.57 -2.98
C LYS A 220 25.37 -2.22 -3.20
N ILE A 221 24.75 -1.74 -2.13
CA ILE A 221 24.17 -0.38 -2.11
C ILE A 221 24.58 0.23 -0.80
N ASP A 222 25.12 1.44 -0.90
CA ASP A 222 25.65 2.16 0.28
C ASP A 222 26.65 1.27 1.05
N GLY A 223 27.44 0.53 0.28
CA GLY A 223 28.52 -0.25 0.87
C GLY A 223 28.13 -1.59 1.49
N LYS A 224 26.85 -1.95 1.45
CA LYS A 224 26.38 -3.21 2.03
C LYS A 224 25.54 -3.99 1.06
N TYR A 225 25.47 -5.29 1.31
CA TYR A 225 24.54 -6.12 0.56
C TYR A 225 23.08 -5.83 1.01
N PHE A 226 22.13 -6.20 0.16
CA PHE A 226 20.73 -5.87 0.38
C PHE A 226 19.84 -7.03 -0.05
N MET A 227 18.78 -7.30 0.72
CA MET A 227 17.84 -8.35 0.40
C MET A 227 16.40 -7.90 0.72
N TYR A 228 15.50 -8.10 -0.24
CA TYR A 228 14.03 -8.05 0.04
C TYR A 228 13.64 -9.44 0.51
N TRP A 229 12.74 -9.53 1.49
CA TRP A 229 12.33 -10.84 1.93
C TRP A 229 10.93 -10.80 2.50
N GLY A 230 10.29 -11.96 2.55
CA GLY A 230 9.02 -12.13 3.24
C GLY A 230 7.94 -12.75 2.39
N GLU A 231 6.96 -13.24 3.12
CA GLU A 231 5.75 -13.89 2.55
C GLU A 231 4.47 -13.03 2.68
N GLU A 232 4.14 -12.64 3.91
CA GLU A 232 2.91 -11.88 4.18
C GLU A 232 3.01 -10.38 3.87
N HIS A 233 4.23 -9.87 3.87
CA HIS A 233 4.59 -8.47 3.52
C HIS A 233 5.98 -8.52 2.92
N VAL A 234 6.33 -7.48 2.18
CA VAL A 234 7.72 -7.30 1.75
C VAL A 234 8.49 -6.49 2.79
N PHE A 235 9.53 -7.14 3.33
CA PHE A 235 10.44 -6.59 4.32
C PHE A 235 11.83 -6.46 3.64
N ALA A 236 12.83 -5.90 4.37
CA ALA A 236 14.19 -5.80 3.82
C ALA A 236 15.22 -6.03 4.90
N ALA A 237 16.45 -6.26 4.43
CA ALA A 237 17.59 -6.50 5.34
C ALA A 237 18.88 -6.14 4.61
N THR A 238 19.89 -5.83 5.43
CA THR A 238 21.25 -5.59 4.92
C THR A 238 22.25 -6.60 5.51
N SER A 239 23.40 -6.69 4.87
CA SER A 239 24.46 -7.55 5.38
C SER A 239 25.80 -7.03 4.93
N GLU A 240 26.82 -7.31 5.75
CA GLU A 240 28.21 -7.09 5.36
C GLU A 240 28.91 -8.37 4.91
N ASP A 241 28.35 -9.53 5.21
CA ASP A 241 29.04 -10.80 5.00
C ASP A 241 28.24 -11.84 4.23
N LEU A 242 27.04 -11.48 3.76
CA LEU A 242 26.14 -12.33 2.97
C LEU A 242 25.46 -13.45 3.73
N VAL A 243 25.79 -13.63 5.01
CA VAL A 243 25.23 -14.72 5.80
C VAL A 243 24.46 -14.24 7.02
N ASN A 244 24.94 -13.18 7.68
CA ASN A 244 24.22 -12.56 8.80
C ASN A 244 23.51 -11.30 8.30
N TRP A 245 22.18 -11.32 8.36
CA TRP A 245 21.34 -10.23 7.81
C TRP A 245 20.63 -9.49 8.94
N THR A 246 20.51 -8.17 8.77
CA THR A 246 19.91 -7.30 9.77
C THR A 246 18.65 -6.68 9.17
N PRO A 247 17.45 -7.14 9.65
CA PRO A 247 16.23 -6.56 9.11
C PRO A 247 16.08 -5.08 9.38
N TYR A 248 15.41 -4.38 8.45
CA TYR A 248 14.98 -3.00 8.70
C TYR A 248 13.81 -3.05 9.70
N VAL A 249 13.85 -2.19 10.70
CA VAL A 249 12.86 -2.18 11.75
C VAL A 249 12.32 -0.77 11.96
N ASN A 250 11.13 -0.76 12.54
CA ASN A 250 10.42 0.48 12.93
C ASN A 250 10.96 1.04 14.25
N THR A 251 10.48 2.22 14.63
CA THR A 251 10.84 2.89 15.89
C THR A 251 10.77 1.93 17.08
N ASP A 252 9.73 1.08 17.13
CA ASP A 252 9.49 0.18 18.26
C ASP A 252 10.18 -1.18 18.10
N GLY A 253 11.00 -1.33 17.06
CA GLY A 253 11.77 -2.55 16.81
C GLY A 253 11.03 -3.60 16.03
N SER A 254 9.76 -3.33 15.67
CA SER A 254 9.00 -4.27 14.84
C SER A 254 9.53 -4.24 13.41
N LEU A 255 9.24 -5.30 12.64
CA LEU A 255 9.73 -5.37 11.23
C LEU A 255 9.04 -4.27 10.40
N ARG A 256 9.82 -3.53 9.61
CA ARG A 256 9.31 -2.43 8.79
C ARG A 256 8.79 -2.98 7.46
N LYS A 257 7.49 -2.77 7.22
CA LYS A 257 6.84 -3.24 5.99
C LYS A 257 7.13 -2.27 4.86
N LEU A 258 7.80 -2.71 3.79
CA LEU A 258 8.03 -1.88 2.63
C LEU A 258 6.78 -1.70 1.77
N PHE A 259 6.05 -2.80 1.60
CA PHE A 259 4.65 -2.76 1.09
C PHE A 259 3.99 -4.06 1.48
N SER A 260 2.66 -4.08 1.28
CA SER A 260 1.83 -5.14 1.80
C SER A 260 0.75 -5.54 0.78
N PRO A 261 0.09 -6.66 1.03
CA PRO A 261 -1.11 -6.98 0.24
C PRO A 261 -2.12 -5.85 0.29
N ARG A 262 -2.94 -5.79 -0.75
CA ARG A 262 -3.92 -4.72 -0.91
C ARG A 262 -5.27 -5.27 -1.35
N ASP A 263 -6.33 -4.57 -0.97
CA ASP A 263 -7.69 -4.99 -1.36
C ASP A 263 -7.87 -4.79 -2.86
N GLY A 264 -8.66 -5.69 -3.48
CA GLY A 264 -9.08 -5.48 -4.84
C GLY A 264 -8.22 -5.98 -5.97
N HIS A 265 -7.02 -6.46 -5.59
CA HIS A 265 -6.04 -6.91 -6.56
C HIS A 265 -5.62 -8.37 -6.30
N PHE A 266 -4.91 -8.91 -7.29
CA PHE A 266 -4.41 -10.29 -7.20
C PHE A 266 -3.48 -10.54 -5.99
N ASP A 267 -2.79 -9.48 -5.56
CA ASP A 267 -1.81 -9.58 -4.47
C ASP A 267 -2.45 -9.03 -3.18
N SER A 268 -3.46 -9.78 -2.71
CA SER A 268 -4.41 -9.34 -1.70
C SER A 268 -4.34 -10.10 -0.38
N GLN A 269 -3.77 -11.31 -0.40
CA GLN A 269 -3.52 -12.08 0.82
C GLN A 269 -2.04 -12.14 1.16
N LEU A 270 -1.17 -12.27 0.13
CA LEU A 270 0.31 -12.35 0.35
C LEU A 270 0.96 -11.53 -0.75
N THR A 271 2.14 -10.99 -0.39
CA THR A 271 3.10 -10.37 -1.35
C THR A 271 4.46 -11.02 -1.04
N GLU A 272 4.77 -12.08 -1.74
CA GLU A 272 5.86 -12.97 -1.34
C GLU A 272 6.98 -12.88 -2.36
N CYS A 273 8.17 -12.52 -1.86
CA CYS A 273 9.35 -12.28 -2.74
C CYS A 273 9.61 -13.45 -3.67
N GLY A 274 10.00 -13.15 -4.92
CA GLY A 274 10.27 -14.17 -5.91
C GLY A 274 11.79 -14.38 -6.16
N PRO A 275 12.24 -14.25 -7.40
CA PRO A 275 13.67 -14.42 -7.67
C PRO A 275 14.48 -13.24 -7.09
N PRO A 276 15.83 -13.28 -7.22
CA PRO A 276 16.67 -12.12 -6.84
C PRO A 276 16.19 -10.80 -7.49
N ALA A 277 16.27 -9.71 -6.73
CA ALA A 277 15.89 -8.41 -7.25
C ALA A 277 16.93 -7.87 -8.23
N ILE A 278 16.54 -6.99 -9.15
CA ILE A 278 17.39 -6.53 -10.24
C ILE A 278 17.45 -5.03 -10.31
N TYR A 279 18.69 -4.49 -10.23
CA TYR A 279 18.97 -3.08 -10.34
C TYR A 279 18.95 -2.67 -11.83
N THR A 280 18.11 -1.72 -12.23
CA THR A 280 17.91 -1.30 -13.60
C THR A 280 18.03 0.24 -13.67
N PRO A 281 18.08 0.82 -14.89
CA PRO A 281 18.15 2.28 -14.98
C PRO A 281 16.92 3.04 -14.50
N LYS A 282 15.78 2.36 -14.33
CA LYS A 282 14.57 2.98 -13.83
C LYS A 282 14.36 2.78 -12.33
N GLY A 283 15.22 1.97 -11.70
CA GLY A 283 14.98 1.59 -10.32
C GLY A 283 15.26 0.12 -10.10
N ILE A 284 15.04 -0.33 -8.88
CA ILE A 284 15.23 -1.70 -8.53
C ILE A 284 13.89 -2.44 -8.70
N VAL A 285 13.92 -3.53 -9.46
CA VAL A 285 12.69 -4.32 -9.70
C VAL A 285 12.72 -5.57 -8.80
N LEU A 286 11.66 -5.73 -8.02
CA LEU A 286 11.40 -6.93 -7.26
C LEU A 286 10.26 -7.66 -7.95
N LEU A 287 10.54 -8.84 -8.51
CA LEU A 287 9.49 -9.70 -9.09
C LEU A 287 9.03 -10.60 -7.95
N TYR A 288 7.68 -10.71 -7.77
CA TYR A 288 7.14 -11.34 -6.56
C TYR A 288 5.87 -12.14 -6.89
N ASN A 289 5.42 -12.86 -5.88
CA ASN A 289 4.25 -13.74 -5.98
C ASN A 289 3.11 -13.20 -5.14
N GLY A 290 1.99 -12.95 -5.81
CA GLY A 290 0.78 -12.54 -5.09
C GLY A 290 -0.15 -13.69 -4.86
N LYS A 291 -0.78 -13.75 -3.70
CA LYS A 291 -1.86 -14.73 -3.46
C LYS A 291 -3.18 -13.93 -3.39
N ASN A 292 -4.16 -14.39 -4.19
CA ASN A 292 -5.45 -13.72 -4.30
C ASN A 292 -6.40 -14.13 -3.17
N SER A 293 -6.79 -13.16 -2.34
CA SER A 293 -7.74 -13.39 -1.27
C SER A 293 -9.16 -13.64 -1.78
N ALA A 294 -9.77 -14.73 -1.35
CA ALA A 294 -11.19 -14.97 -1.75
C ALA A 294 -12.08 -13.83 -1.32
N SER A 295 -11.80 -13.26 -0.15
CA SER A 295 -12.67 -12.24 0.44
C SER A 295 -12.36 -10.81 0.02
N ARG A 296 -11.04 -10.52 -0.13
CA ARG A 296 -10.59 -9.13 -0.31
C ARG A 296 -9.90 -8.86 -1.63
N GLY A 297 -9.85 -9.88 -2.50
CA GLY A 297 -9.04 -9.83 -3.70
C GLY A 297 -9.73 -9.36 -4.95
N ASP A 298 -9.26 -9.87 -6.09
CA ASP A 298 -9.81 -9.51 -7.39
C ASP A 298 -10.59 -10.69 -7.90
N LYS A 299 -11.92 -10.52 -7.96
CA LYS A 299 -12.83 -11.64 -8.29
C LYS A 299 -12.70 -12.10 -9.72
N ARG A 300 -12.01 -11.35 -10.58
CA ARG A 300 -11.75 -11.83 -11.93
C ARG A 300 -10.74 -12.98 -11.97
N TYR A 301 -9.95 -13.11 -10.91
CA TYR A 301 -8.96 -14.17 -10.78
C TYR A 301 -9.42 -15.21 -9.78
N THR A 302 -9.01 -16.45 -9.99
CA THR A 302 -9.35 -17.55 -9.10
C THR A 302 -9.03 -17.27 -7.65
N ALA A 303 -9.94 -17.50 -6.73
CA ALA A 303 -9.68 -17.36 -5.30
C ALA A 303 -8.47 -18.24 -4.96
N ASN A 304 -7.54 -17.67 -4.19
CA ASN A 304 -6.36 -18.38 -3.61
C ASN A 304 -5.28 -18.71 -4.62
N VAL A 305 -5.41 -18.25 -5.87
CA VAL A 305 -4.33 -18.49 -6.84
C VAL A 305 -3.10 -17.65 -6.48
N TYR A 306 -1.92 -18.20 -6.83
CA TYR A 306 -0.66 -17.40 -6.83
C TYR A 306 -0.34 -16.99 -8.26
N ALA A 307 -0.32 -15.67 -8.47
CA ALA A 307 0.03 -15.06 -9.75
C ALA A 307 1.11 -13.97 -9.51
N ALA A 308 1.96 -13.72 -10.51
CA ALA A 308 3.20 -12.96 -10.28
C ALA A 308 3.03 -11.49 -10.59
N GLY A 309 3.64 -10.66 -9.75
CA GLY A 309 3.70 -9.21 -9.89
C GLY A 309 5.11 -8.65 -9.97
N GLN A 310 5.19 -7.33 -10.13
CA GLN A 310 6.50 -6.65 -10.07
C GLN A 310 6.31 -5.34 -9.34
N ALA A 311 7.29 -5.01 -8.52
CA ALA A 311 7.35 -3.74 -7.79
C ALA A 311 8.66 -3.02 -8.13
N LEU A 312 8.57 -1.70 -8.19
CA LEU A 312 9.72 -0.81 -8.48
C LEU A 312 10.04 -0.01 -7.22
N PHE A 313 11.34 -0.03 -6.84
CA PHE A 313 11.91 0.72 -5.73
C PHE A 313 12.96 1.71 -6.27
N ASP A 314 13.18 2.76 -5.47
CA ASP A 314 14.17 3.78 -5.82
CA ASP A 314 14.18 3.80 -5.81
C ASP A 314 15.60 3.20 -5.87
N ALA A 315 16.30 3.46 -6.98
CA ALA A 315 17.68 2.99 -7.15
C ALA A 315 18.65 3.53 -6.10
N ASN A 316 18.34 4.72 -5.58
CA ASN A 316 19.20 5.37 -4.59
C ASN A 316 18.72 5.19 -3.16
N ASP A 317 17.58 4.52 -2.95
CA ASP A 317 16.94 4.35 -1.63
C ASP A 317 16.13 3.07 -1.73
N PRO A 318 16.76 1.89 -1.58
CA PRO A 318 16.17 0.64 -1.99
C PRO A 318 14.95 0.21 -1.19
N THR A 319 14.72 0.79 -0.03
CA THR A 319 13.50 0.52 0.71
C THR A 319 12.33 1.39 0.28
N ARG A 320 12.54 2.37 -0.61
CA ARG A 320 11.49 3.30 -0.98
C ARG A 320 10.68 2.79 -2.17
N PHE A 321 9.46 2.34 -1.84
CA PHE A 321 8.51 1.87 -2.84
C PHE A 321 8.06 2.99 -3.80
N ILE A 322 8.07 2.71 -5.10
CA ILE A 322 7.57 3.62 -6.12
C ILE A 322 6.19 3.18 -6.66
N THR A 323 6.09 1.93 -7.13
CA THR A 323 4.86 1.47 -7.80
C THR A 323 4.92 -0.04 -7.94
N ARG A 324 3.75 -0.61 -8.26
CA ARG A 324 3.64 -2.03 -8.60
C ARG A 324 2.62 -2.21 -9.70
N LEU A 325 2.74 -3.33 -10.41
CA LEU A 325 1.72 -3.65 -11.43
C LEU A 325 0.36 -3.87 -10.80
N ASP A 326 -0.71 -3.40 -11.47
CA ASP A 326 -2.07 -3.58 -10.96
C ASP A 326 -2.66 -4.96 -11.23
N GLU A 327 -2.13 -5.62 -12.25
CA GLU A 327 -2.57 -6.95 -12.75
C GLU A 327 -1.31 -7.81 -12.79
N PRO A 328 -1.45 -9.12 -12.57
CA PRO A 328 -0.25 -9.96 -12.65
C PRO A 328 0.26 -10.03 -14.06
N PHE A 329 1.60 -10.13 -14.22
CA PHE A 329 2.20 -10.25 -15.58
C PHE A 329 2.27 -11.71 -16.05
N PHE A 330 2.11 -12.64 -15.12
CA PHE A 330 2.29 -14.09 -15.37
C PHE A 330 1.37 -14.76 -14.37
N ARG A 331 0.54 -15.68 -14.87
CA ARG A 331 -0.47 -16.32 -14.02
C ARG A 331 -0.71 -17.74 -14.53
N PRO A 332 -1.38 -18.56 -13.72
CA PRO A 332 -1.62 -19.91 -14.25
C PRO A 332 -2.49 -19.92 -15.52
N MET A 333 -1.98 -20.56 -16.58
CA MET A 333 -2.65 -20.65 -17.86
CA MET A 333 -2.62 -20.65 -17.88
C MET A 333 -2.78 -22.10 -18.33
N ASP A 334 -1.78 -22.93 -18.09
CA ASP A 334 -1.81 -24.34 -18.46
C ASP A 334 -2.33 -25.21 -17.31
N SER A 335 -2.79 -26.41 -17.65
CA SER A 335 -3.43 -27.28 -16.68
C SER A 335 -2.62 -27.55 -15.42
N PHE A 336 -1.31 -27.80 -15.61
CA PHE A 336 -0.43 -28.15 -14.50
C PHE A 336 0.03 -26.92 -13.70
N GLU A 337 -0.28 -25.71 -14.20
CA GLU A 337 -0.16 -24.47 -13.41
C GLU A 337 -1.43 -24.23 -12.58
N LYS A 338 -2.57 -24.53 -13.22
CA LYS A 338 -3.88 -24.20 -12.61
C LYS A 338 -4.24 -25.07 -11.42
N SER A 339 -3.75 -26.31 -11.39
CA SER A 339 -4.03 -27.22 -10.28
CA SER A 339 -4.02 -27.18 -10.24
C SER A 339 -2.94 -28.27 -10.12
N GLY A 340 -2.74 -28.70 -8.89
CA GLY A 340 -1.69 -29.67 -8.56
C GLY A 340 -1.77 -29.96 -7.09
N GLN A 341 -0.62 -30.19 -6.48
CA GLN A 341 -0.57 -30.38 -5.05
C GLN A 341 -1.21 -29.19 -4.35
N TYR A 342 -0.92 -27.98 -4.85
CA TYR A 342 -1.63 -26.78 -4.43
C TYR A 342 -2.83 -26.60 -5.37
N VAL A 343 -4.01 -26.97 -4.89
CA VAL A 343 -5.15 -27.17 -5.78
C VAL A 343 -5.64 -25.91 -6.44
N ASP A 344 -5.42 -24.77 -5.79
CA ASP A 344 -5.89 -23.50 -6.33
C ASP A 344 -4.96 -22.89 -7.40
N GLY A 345 -3.78 -23.49 -7.64
CA GLY A 345 -2.90 -23.08 -8.70
C GLY A 345 -1.80 -22.12 -8.30
N THR A 346 -0.61 -22.29 -8.92
CA THR A 346 0.48 -21.29 -8.78
C THR A 346 1.24 -21.21 -10.06
N VAL A 347 1.83 -20.03 -10.31
CA VAL A 347 3.08 -19.90 -11.07
C VAL A 347 4.05 -19.19 -10.11
N PHE A 348 4.76 -19.99 -9.32
CA PHE A 348 5.53 -19.45 -8.19
C PHE A 348 6.95 -19.12 -8.68
N ILE A 349 7.16 -17.83 -9.01
CA ILE A 349 8.37 -17.42 -9.66
C ILE A 349 9.52 -17.32 -8.67
N GLU A 350 10.68 -17.85 -9.11
CA GLU A 350 11.73 -18.08 -8.13
C GLU A 350 13.15 -18.07 -8.72
N GLY A 351 13.33 -18.35 -10.00
CA GLY A 351 14.65 -18.32 -10.61
C GLY A 351 14.65 -17.50 -11.88
N MET A 352 15.76 -16.80 -12.17
CA MET A 352 15.89 -16.08 -13.42
C MET A 352 17.34 -16.15 -13.85
N VAL A 353 17.56 -16.34 -15.13
CA VAL A 353 18.94 -16.35 -15.66
C VAL A 353 18.96 -15.45 -16.89
N TYR A 354 19.94 -14.53 -16.95
CA TYR A 354 20.21 -13.74 -18.14
C TYR A 354 21.21 -14.56 -18.95
N TYR A 355 20.79 -15.06 -20.09
CA TYR A 355 21.52 -16.08 -20.83
C TYR A 355 21.23 -15.92 -22.31
N LYS A 356 22.26 -15.95 -23.16
CA LYS A 356 22.03 -15.74 -24.59
C LYS A 356 21.22 -14.45 -24.88
N ASP A 357 21.48 -13.42 -24.07
CA ASP A 357 20.82 -12.10 -24.20
C ASP A 357 19.30 -12.12 -23.95
N LYS A 358 18.84 -13.15 -23.25
CA LYS A 358 17.41 -13.24 -22.91
C LYS A 358 17.26 -13.54 -21.44
N TRP A 359 16.07 -13.35 -20.90
CA TRP A 359 15.77 -13.66 -19.54
C TRP A 359 14.95 -14.94 -19.43
N TYR A 360 15.50 -15.97 -18.82
CA TYR A 360 14.87 -17.26 -18.59
C TYR A 360 14.31 -17.29 -17.18
N LEU A 361 12.98 -17.47 -17.07
CA LEU A 361 12.24 -17.50 -15.80
C LEU A 361 11.89 -18.92 -15.44
N TYR A 362 12.13 -19.31 -14.19
CA TYR A 362 11.84 -20.67 -13.69
C TYR A 362 10.89 -20.55 -12.51
N TYR A 363 9.86 -21.39 -12.52
CA TYR A 363 8.78 -21.25 -11.56
C TYR A 363 8.19 -22.60 -11.17
N GLY A 364 7.63 -22.66 -9.96
CA GLY A 364 6.79 -23.80 -9.57
C GLY A 364 5.41 -23.76 -10.21
N CYS A 365 4.94 -24.94 -10.57
CA CYS A 365 3.59 -25.09 -11.16
C CYS A 365 2.73 -25.84 -10.17
N ALA A 366 1.87 -25.09 -9.48
CA ALA A 366 0.91 -25.67 -8.54
C ALA A 366 1.55 -26.63 -7.52
N ASP A 367 2.75 -26.28 -7.04
CA ASP A 367 3.49 -27.10 -6.09
C ASP A 367 3.76 -28.55 -6.57
N SER A 368 3.80 -28.73 -7.90
CA SER A 368 3.94 -30.06 -8.48
C SER A 368 5.02 -30.25 -9.55
N LYS A 369 5.19 -29.25 -10.40
CA LYS A 369 6.10 -29.30 -11.55
C LYS A 369 7.00 -28.07 -11.57
N VAL A 370 8.03 -28.10 -12.41
CA VAL A 370 8.81 -26.89 -12.74
C VAL A 370 8.49 -26.46 -14.17
N GLY A 371 8.20 -25.17 -14.34
CA GLY A 371 7.99 -24.60 -15.65
C GLY A 371 9.02 -23.52 -15.93
N MET A 372 9.12 -23.16 -17.21
CA MET A 372 9.97 -22.06 -17.63
C MET A 372 9.27 -21.18 -18.67
N ALA A 373 9.76 -19.95 -18.80
CA ALA A 373 9.30 -19.04 -19.86
C ALA A 373 10.43 -18.02 -20.17
N ILE A 374 10.40 -17.43 -21.35
CA ILE A 374 11.51 -16.58 -21.84
C ILE A 374 10.99 -15.18 -22.16
N TYR A 375 11.64 -14.15 -21.60
CA TYR A 375 11.46 -12.76 -22.01
C TYR A 375 12.66 -12.41 -22.88
N ASN A 376 12.44 -12.11 -24.15
CA ASN A 376 13.48 -11.70 -25.07
C ASN A 376 13.37 -10.18 -25.27
N PRO A 377 14.27 -9.39 -24.67
CA PRO A 377 14.17 -7.92 -24.85
C PRO A 377 14.17 -7.46 -26.32
N LYS A 378 14.83 -8.21 -27.21
CA LYS A 378 14.90 -7.90 -28.63
CA LYS A 378 14.87 -7.82 -28.61
C LYS A 378 13.59 -8.23 -29.36
N LYS A 379 12.79 -9.12 -28.76
CA LYS A 379 11.52 -9.57 -29.41
C LYS A 379 10.48 -9.84 -28.30
N PRO A 380 10.04 -8.77 -27.61
CA PRO A 380 9.24 -9.05 -26.40
C PRO A 380 7.86 -9.63 -26.68
N ALA A 381 7.51 -10.65 -25.91
CA ALA A 381 6.14 -11.21 -25.98
C ALA A 381 5.20 -10.35 -25.16
N ALA A 382 3.93 -10.62 -25.33
CA ALA A 382 2.91 -10.05 -24.46
C ALA A 382 2.98 -10.68 -23.08
N ALA A 383 2.51 -9.94 -22.08
CA ALA A 383 2.24 -10.49 -20.75
C ALA A 383 1.05 -11.48 -20.86
N ASP A 384 0.84 -12.26 -19.81
CA ASP A 384 -0.37 -13.12 -19.83
C ASP A 384 -1.62 -12.23 -19.87
N PRO A 385 -2.65 -12.66 -20.61
CA PRO A 385 -3.79 -11.79 -20.80
C PRO A 385 -4.63 -11.65 -19.52
N LEU A 386 -5.44 -10.59 -19.49
CA LEU A 386 -6.42 -10.46 -18.41
C LEU A 386 -7.50 -11.54 -18.54
N PRO A 387 -8.09 -11.96 -17.43
CA PRO A 387 -9.19 -12.96 -17.49
C PRO A 387 -10.45 -12.46 -18.19
N ALA A 388 -10.74 -11.17 -18.17
CA ALA A 388 -10.96 -10.27 -17.01
C ALA A 388 -12.50 -10.11 -16.75
N LYS B 30 17.01 19.63 2.56
CA LYS B 30 15.63 19.86 3.14
C LYS B 30 14.59 20.41 2.15
N LYS B 31 14.98 20.69 0.93
CA LYS B 31 14.03 21.10 -0.07
C LYS B 31 13.02 19.96 -0.34
N ASN B 32 11.78 20.36 -0.40
CA ASN B 32 10.69 19.38 -0.46
C ASN B 32 10.00 19.48 -1.77
N VAL B 33 10.53 18.81 -2.80
CA VAL B 33 10.16 19.04 -4.19
C VAL B 33 8.82 18.40 -4.49
N LEU B 34 7.85 19.21 -4.96
CA LEU B 34 6.50 18.66 -5.28
C LEU B 34 6.40 18.26 -6.73
N PRO B 35 5.80 17.08 -6.98
CA PRO B 35 5.62 16.69 -8.36
C PRO B 35 4.59 17.57 -9.02
N ASP B 36 4.59 17.49 -10.35
CA ASP B 36 3.80 18.36 -11.21
CA ASP B 36 3.77 18.27 -11.27
C ASP B 36 2.28 18.29 -10.93
N TRP B 37 1.81 17.13 -10.50
CA TRP B 37 0.38 16.90 -10.30
C TRP B 37 -0.13 17.43 -8.98
N ALA B 38 0.76 17.72 -8.03
CA ALA B 38 0.35 18.10 -6.67
C ALA B 38 0.09 19.60 -6.57
N PHE B 39 -0.75 19.97 -5.62
CA PHE B 39 -1.03 21.37 -5.33
C PHE B 39 -0.01 21.90 -4.34
N GLY B 40 0.45 23.14 -4.56
CA GLY B 40 1.32 23.81 -3.61
C GLY B 40 2.63 24.28 -4.23
N GLY B 41 3.48 24.95 -3.44
CA GLY B 41 3.35 25.13 -2.00
C GLY B 41 2.31 26.13 -1.57
N PHE B 42 1.80 25.93 -0.37
CA PHE B 42 0.84 26.84 0.26
C PHE B 42 1.58 27.71 1.29
N GLU B 43 1.68 29.01 1.00
CA GLU B 43 2.42 29.96 1.84
C GLU B 43 1.47 30.66 2.81
N ARG B 44 1.80 30.64 4.10
CA ARG B 44 1.04 31.33 5.15
C ARG B 44 1.40 32.82 5.07
N PRO B 45 0.44 33.71 4.77
CA PRO B 45 0.82 35.15 4.68
C PRO B 45 1.25 35.66 6.03
N GLN B 46 2.27 36.53 6.05
CA GLN B 46 2.62 37.20 7.29
C GLN B 46 1.38 37.91 7.81
N GLY B 47 1.13 37.77 9.10
CA GLY B 47 0.00 38.46 9.74
C GLY B 47 -1.40 37.83 9.66
N ALA B 48 -1.47 36.69 8.91
CA ALA B 48 -2.82 36.14 8.66
C ALA B 48 -3.26 35.25 9.82
N ASN B 49 -2.37 34.43 10.36
CA ASN B 49 -2.77 33.34 11.27
C ASN B 49 -2.51 33.62 12.75
N PRO B 50 -3.40 33.24 13.65
CA PRO B 50 -4.66 32.50 13.39
C PRO B 50 -5.77 33.37 12.78
N VAL B 51 -6.55 32.79 11.88
CA VAL B 51 -7.67 33.48 11.27
C VAL B 51 -8.88 33.52 12.18
N ILE B 52 -9.16 32.41 12.86
CA ILE B 52 -10.29 32.31 13.78
CA ILE B 52 -10.31 32.30 13.80
C ILE B 52 -9.78 31.72 15.09
N SER B 53 -10.04 32.45 16.17
CA SER B 53 -9.73 32.07 17.53
C SER B 53 -10.98 32.09 18.40
N PRO B 54 -10.93 31.40 19.53
CA PRO B 54 -12.10 31.41 20.42
C PRO B 54 -12.48 32.79 20.91
N ILE B 55 -13.77 32.95 21.18
CA ILE B 55 -14.33 34.17 21.77
C ILE B 55 -15.08 33.74 23.02
N GLU B 56 -14.79 34.37 24.15
CA GLU B 56 -15.37 33.92 25.41
C GLU B 56 -16.81 34.37 25.66
N ASN B 57 -17.13 35.58 25.22
CA ASN B 57 -18.37 36.31 25.57
CA ASN B 57 -18.41 36.13 25.70
C ASN B 57 -19.61 36.01 24.74
N THR B 58 -19.38 35.44 23.56
CA THR B 58 -20.50 35.17 22.67
C THR B 58 -21.27 33.98 23.26
N LYS B 59 -22.56 33.93 22.98
CA LYS B 59 -23.38 32.90 23.60
C LYS B 59 -24.41 32.43 22.61
N PHE B 60 -25.00 31.30 22.96
CA PHE B 60 -25.99 30.63 22.14
C PHE B 60 -26.95 29.93 23.07
N TYR B 61 -28.22 30.14 22.83
CA TYR B 61 -29.24 29.45 23.60
C TYR B 61 -29.41 28.07 22.96
N CYS B 62 -28.88 27.06 23.64
CA CYS B 62 -28.81 25.69 23.11
C CYS B 62 -30.19 25.07 23.33
N PRO B 63 -30.85 24.63 22.22
CA PRO B 63 -32.18 24.06 22.40
C PRO B 63 -32.17 22.74 23.13
N MET B 64 -31.04 22.03 23.14
CA MET B 64 -30.85 20.84 23.98
C MET B 64 -30.53 21.07 25.47
N THR B 65 -29.76 22.12 25.77
CA THR B 65 -29.38 22.48 27.13
C THR B 65 -30.55 23.28 27.77
N GLN B 66 -31.33 23.92 26.92
CA GLN B 66 -32.32 24.94 27.37
C GLN B 66 -31.69 25.96 28.34
N ASP B 67 -30.51 26.41 27.90
CA ASP B 67 -29.75 27.42 28.64
C ASP B 67 -28.68 27.89 27.64
N TYR B 68 -28.06 29.01 27.99
CA TYR B 68 -26.92 29.51 27.23
C TYR B 68 -25.72 28.65 27.44
N VAL B 69 -24.99 28.52 26.34
CA VAL B 69 -23.64 27.93 26.32
C VAL B 69 -22.70 28.94 25.61
N ALA B 70 -21.46 28.94 26.06
CA ALA B 70 -20.41 29.76 25.44
C ALA B 70 -19.82 28.95 24.31
N TRP B 71 -20.55 28.99 23.21
CA TRP B 71 -20.42 28.02 22.10
C TRP B 71 -19.08 28.00 21.39
N GLU B 72 -18.32 29.09 21.48
CA GLU B 72 -17.03 29.11 20.80
C GLU B 72 -15.91 29.55 21.75
N SER B 73 -16.08 29.23 23.02
CA SER B 73 -15.17 29.74 24.05
C SER B 73 -13.93 28.89 24.26
N ASN B 74 -13.97 27.62 23.85
CA ASN B 74 -12.87 26.72 24.17
C ASN B 74 -11.89 26.66 23.00
N ASP B 75 -12.35 26.31 21.81
CA ASP B 75 -11.48 26.06 20.66
C ASP B 75 -12.28 26.26 19.36
N THR B 76 -11.64 26.75 18.31
CA THR B 76 -12.27 27.04 17.00
C THR B 76 -11.33 26.50 15.95
N PHE B 77 -11.72 25.46 15.23
CA PHE B 77 -10.79 24.70 14.41
C PHE B 77 -11.49 24.05 13.21
N ASN B 78 -10.85 23.03 12.62
CA ASN B 78 -11.38 22.12 11.61
C ASN B 78 -12.54 22.68 10.76
N PRO B 79 -12.19 23.51 9.76
CA PRO B 79 -13.16 24.33 9.05
C PRO B 79 -13.53 23.77 7.67
N ALA B 80 -14.78 24.00 7.25
CA ALA B 80 -15.14 23.96 5.83
C ALA B 80 -14.92 25.31 5.21
N ALA B 81 -14.74 25.34 3.88
CA ALA B 81 -14.64 26.62 3.17
C ALA B 81 -15.26 26.49 1.80
N THR B 82 -15.92 27.56 1.37
CA THR B 82 -16.52 27.60 0.05
C THR B 82 -16.61 29.04 -0.47
N LEU B 83 -17.18 29.16 -1.66
CA LEU B 83 -17.44 30.43 -2.32
C LEU B 83 -18.95 30.67 -2.35
N HIS B 84 -19.37 31.88 -1.98
CA HIS B 84 -20.77 32.25 -2.05
C HIS B 84 -20.87 33.74 -2.30
N ASP B 85 -21.60 34.12 -3.35
CA ASP B 85 -21.82 35.55 -3.65
C ASP B 85 -20.54 36.39 -3.69
N GLY B 86 -19.51 35.79 -4.30
CA GLY B 86 -18.24 36.46 -4.51
C GLY B 86 -17.33 36.56 -3.30
N LYS B 87 -17.69 35.90 -2.20
CA LYS B 87 -16.90 35.90 -0.99
C LYS B 87 -16.48 34.48 -0.60
N ILE B 88 -15.37 34.40 0.13
CA ILE B 88 -14.99 33.18 0.84
C ILE B 88 -15.81 33.08 2.11
N VAL B 89 -16.44 31.91 2.30
CA VAL B 89 -17.21 31.58 3.50
C VAL B 89 -16.58 30.37 4.18
N VAL B 90 -16.34 30.50 5.49
CA VAL B 90 -15.81 29.44 6.34
C VAL B 90 -16.86 29.07 7.37
N LEU B 91 -17.11 27.76 7.51
CA LEU B 91 -17.87 27.23 8.63
C LEU B 91 -16.87 26.54 9.54
N TYR B 92 -16.69 27.07 10.75
CA TYR B 92 -15.66 26.58 11.66
C TYR B 92 -16.22 25.72 12.78
N ARG B 93 -15.51 24.62 13.09
CA ARG B 93 -15.85 23.79 14.23
C ARG B 93 -15.58 24.59 15.52
N ALA B 94 -16.61 24.78 16.36
CA ALA B 94 -16.44 25.53 17.60
C ALA B 94 -16.83 24.65 18.78
N GLU B 95 -16.04 24.67 19.85
CA GLU B 95 -16.33 23.89 21.04
C GLU B 95 -16.56 24.80 22.23
N ASP B 96 -17.57 24.43 23.01
CA ASP B 96 -17.89 25.06 24.31
C ASP B 96 -17.11 24.41 25.45
N LYS B 97 -17.45 24.79 26.69
CA LYS B 97 -16.79 24.30 27.89
C LYS B 97 -17.63 23.25 28.65
N SER B 98 -18.42 22.47 27.90
CA SER B 98 -19.33 21.51 28.50
C SER B 98 -18.63 20.21 28.94
N GLY B 99 -17.36 20.03 28.59
CA GLY B 99 -16.58 18.90 29.08
C GLY B 99 -15.11 19.15 28.92
N VAL B 100 -14.34 18.21 29.48
CA VAL B 100 -12.91 18.25 29.58
C VAL B 100 -12.41 17.02 28.86
N GLY B 101 -11.54 17.28 27.93
CA GLY B 101 -10.88 16.20 27.16
C GLY B 101 -11.41 16.16 25.72
N ILE B 102 -10.59 15.58 24.85
CA ILE B 102 -10.83 15.58 23.43
C ILE B 102 -12.10 14.79 23.16
N GLY B 103 -13.01 15.42 22.40
CA GLY B 103 -14.29 14.80 22.10
C GLY B 103 -15.33 14.88 23.21
N HIS B 104 -15.03 15.58 24.30
CA HIS B 104 -15.96 15.67 25.45
C HIS B 104 -16.72 16.99 25.55
N ARG B 105 -16.51 17.84 24.54
CA ARG B 105 -17.24 19.12 24.47
C ARG B 105 -18.44 18.89 23.51
N THR B 106 -19.16 19.97 23.22
CA THR B 106 -20.17 19.98 22.14
C THR B 106 -19.65 20.89 21.02
N SER B 107 -19.66 20.32 19.80
CA SER B 107 -19.27 21.03 18.59
C SER B 107 -20.48 21.62 17.88
N ARG B 108 -20.34 22.87 17.47
CA ARG B 108 -21.32 23.61 16.68
C ARG B 108 -20.57 24.41 15.64
N LEU B 109 -21.19 24.72 14.52
CA LEU B 109 -20.49 25.38 13.42
C LEU B 109 -20.74 26.88 13.39
N GLY B 110 -19.64 27.66 13.44
CA GLY B 110 -19.72 29.08 13.24
C GLY B 110 -19.62 29.44 11.76
N TYR B 111 -20.03 30.65 11.46
CA TYR B 111 -20.11 31.15 10.08
C TYR B 111 -19.27 32.43 9.98
N ALA B 112 -18.42 32.51 8.96
CA ALA B 112 -17.60 33.71 8.74
C ALA B 112 -17.41 33.99 7.25
N THR B 113 -17.35 35.28 6.88
CA THR B 113 -17.19 35.66 5.46
CA THR B 113 -17.25 35.71 5.48
C THR B 113 -16.03 36.62 5.28
N SER B 114 -15.41 36.53 4.11
CA SER B 114 -14.22 37.36 3.81
C SER B 114 -14.14 37.69 2.32
N SER B 115 -13.65 38.89 1.98
CA SER B 115 -13.36 39.27 0.59
CA SER B 115 -13.37 39.27 0.59
C SER B 115 -11.90 39.05 0.19
N ASP B 116 -11.03 38.83 1.17
CA ASP B 116 -9.61 38.59 0.89
C ASP B 116 -9.08 37.24 1.37
N GLY B 117 -9.95 36.43 1.99
CA GLY B 117 -9.57 35.11 2.50
C GLY B 117 -8.80 35.13 3.82
N ILE B 118 -8.51 36.31 4.36
CA ILE B 118 -7.69 36.49 5.54
C ILE B 118 -8.44 37.13 6.72
N HIS B 119 -9.10 38.25 6.41
CA HIS B 119 -9.87 39.01 7.40
C HIS B 119 -11.34 38.66 7.26
N PHE B 120 -11.90 38.18 8.35
CA PHE B 120 -13.28 37.66 8.37
C PHE B 120 -14.20 38.44 9.27
N LYS B 121 -15.48 38.39 8.90
CA LYS B 121 -16.58 38.90 9.70
C LYS B 121 -17.35 37.66 10.15
N ARG B 122 -17.37 37.44 11.46
CA ARG B 122 -18.01 36.29 12.08
C ARG B 122 -19.41 36.62 12.58
N GLU B 123 -20.33 35.68 12.45
CA GLU B 123 -21.62 35.77 13.13
C GLU B 123 -21.47 35.37 14.60
N LYS B 124 -22.29 35.95 15.46
CA LYS B 124 -22.17 35.79 16.90
C LYS B 124 -22.81 34.53 17.47
N THR B 125 -23.59 33.83 16.65
CA THR B 125 -24.22 32.59 17.07
C THR B 125 -23.94 31.53 15.98
N PRO B 126 -24.00 30.24 16.34
CA PRO B 126 -23.73 29.20 15.36
C PRO B 126 -24.88 29.00 14.33
N VAL B 127 -24.52 28.50 13.16
CA VAL B 127 -25.47 28.18 12.08
C VAL B 127 -25.88 26.74 11.97
N PHE B 128 -25.21 25.86 12.70
CA PHE B 128 -25.46 24.42 12.56
C PHE B 128 -25.12 23.78 13.88
N TYR B 129 -26.01 23.01 14.45
CA TYR B 129 -25.85 22.55 15.82
C TYR B 129 -26.82 21.42 16.10
N PRO B 130 -26.54 20.64 17.15
CA PRO B 130 -27.50 19.61 17.55
C PRO B 130 -28.79 20.20 18.09
N ASP B 131 -29.92 19.55 17.79
CA ASP B 131 -31.24 20.16 18.04
C ASP B 131 -32.25 19.03 18.24
N ASN B 132 -33.49 19.40 18.60
CA ASN B 132 -34.54 18.41 18.76
C ASN B 132 -35.13 18.14 17.40
N ASP B 133 -34.39 17.37 16.61
CA ASP B 133 -34.73 17.07 15.24
C ASP B 133 -34.56 15.56 14.99
N THR B 134 -34.72 15.16 13.73
CA THR B 134 -34.62 13.76 13.30
C THR B 134 -33.25 13.13 13.67
N GLN B 135 -32.19 13.95 13.87
CA GLN B 135 -30.84 13.46 14.20
C GLN B 135 -30.46 13.53 15.68
N LYS B 136 -31.41 13.87 16.56
CA LYS B 136 -31.12 14.14 17.97
C LYS B 136 -30.28 13.07 18.67
N LYS B 137 -30.64 11.81 18.45
CA LYS B 137 -29.94 10.73 19.15
C LYS B 137 -28.55 10.43 18.59
N LEU B 138 -28.31 10.90 17.39
CA LEU B 138 -27.00 10.74 16.76
C LEU B 138 -26.01 11.89 17.03
N GLU B 139 -26.52 13.04 17.46
CA GLU B 139 -25.73 14.26 17.53
C GLU B 139 -25.65 14.85 18.94
N TRP B 140 -26.36 14.27 19.92
CA TRP B 140 -26.29 14.80 21.29
C TRP B 140 -25.56 13.79 22.16
N PRO B 141 -24.60 14.22 22.98
CA PRO B 141 -24.27 15.63 23.23
C PRO B 141 -23.02 16.14 22.53
N GLY B 142 -22.41 15.33 21.65
CA GLY B 142 -21.16 15.73 21.04
C GLY B 142 -21.26 16.74 19.91
N GLY B 143 -22.45 16.83 19.29
CA GLY B 143 -22.67 17.80 18.26
C GLY B 143 -22.25 17.41 16.85
N CYS B 144 -21.87 18.45 16.10
CA CYS B 144 -21.67 18.37 14.66
C CYS B 144 -20.23 18.83 14.37
N GLU B 145 -19.40 17.93 13.86
CA GLU B 145 -17.96 18.19 13.79
C GLU B 145 -17.43 18.16 12.35
N ASP B 146 -16.30 18.85 12.15
CA ASP B 146 -15.42 18.66 10.99
C ASP B 146 -16.15 18.71 9.64
N PRO B 147 -16.76 19.85 9.34
CA PRO B 147 -17.49 19.92 8.08
C PRO B 147 -16.57 20.03 6.86
N ARG B 148 -17.01 19.49 5.73
CA ARG B 148 -16.45 19.80 4.41
C ARG B 148 -17.62 20.25 3.53
N ILE B 149 -17.41 21.27 2.71
CA ILE B 149 -18.49 21.75 1.81
C ILE B 149 -18.03 21.80 0.36
N ALA B 150 -18.91 21.34 -0.52
CA ALA B 150 -18.77 21.45 -1.97
C ALA B 150 -20.13 21.91 -2.52
N VAL B 151 -20.18 22.34 -3.77
CA VAL B 151 -21.44 22.89 -4.35
C VAL B 151 -21.68 22.30 -5.72
N THR B 152 -22.95 22.01 -6.01
CA THR B 152 -23.29 21.56 -7.33
C THR B 152 -23.28 22.72 -8.30
N ALA B 153 -23.20 22.40 -9.60
CA ALA B 153 -23.28 23.44 -10.64
C ALA B 153 -24.62 24.17 -10.62
N GLU B 154 -25.65 23.56 -10.04
CA GLU B 154 -26.98 24.14 -9.94
C GLU B 154 -27.15 24.94 -8.62
N GLY B 155 -26.12 25.00 -7.76
CA GLY B 155 -26.14 25.86 -6.59
C GLY B 155 -26.50 25.25 -5.26
N LEU B 156 -26.52 23.93 -5.19
CA LEU B 156 -26.81 23.23 -3.93
C LEU B 156 -25.49 22.95 -3.20
N TYR B 157 -25.37 23.52 -2.01
CA TYR B 157 -24.21 23.24 -1.15
C TYR B 157 -24.47 21.95 -0.41
N VAL B 158 -23.46 21.06 -0.44
CA VAL B 158 -23.50 19.75 0.20
C VAL B 158 -22.38 19.73 1.26
N MET B 159 -22.78 19.53 2.51
CA MET B 159 -21.88 19.46 3.66
CA MET B 159 -21.87 19.47 3.63
C MET B 159 -21.79 18.01 4.12
N THR B 160 -20.54 17.50 4.22
CA THR B 160 -20.29 16.27 4.97
C THR B 160 -19.79 16.66 6.36
N TYR B 161 -20.18 15.90 7.38
CA TYR B 161 -19.77 16.20 8.76
C TYR B 161 -19.91 14.99 9.64
N THR B 162 -19.37 15.07 10.85
CA THR B 162 -19.49 13.99 11.82
C THR B 162 -20.60 14.27 12.83
N GLN B 163 -21.47 13.30 13.02
CA GLN B 163 -22.44 13.30 14.13
C GLN B 163 -21.78 12.60 15.29
N TRP B 164 -21.76 13.23 16.46
CA TRP B 164 -21.14 12.61 17.65
C TRP B 164 -22.07 12.60 18.85
N ASN B 165 -22.38 11.39 19.28
CA ASN B 165 -23.26 11.19 20.44
C ASN B 165 -22.56 10.56 21.66
N ARG B 166 -21.22 10.62 21.64
CA ARG B 166 -20.36 10.00 22.67
C ARG B 166 -20.36 8.47 22.63
N HIS B 167 -21.01 7.88 21.62
CA HIS B 167 -20.98 6.43 21.38
C HIS B 167 -20.25 6.11 20.07
N ILE B 168 -20.84 6.52 18.95
CA ILE B 168 -20.34 6.24 17.60
C ILE B 168 -20.29 7.53 16.78
N PRO B 169 -19.14 7.87 16.20
CA PRO B 169 -19.14 8.96 15.23
C PRO B 169 -19.65 8.49 13.88
N ARG B 170 -20.53 9.29 13.24
CA ARG B 170 -21.08 8.90 11.95
C ARG B 170 -20.92 10.01 10.91
N LEU B 171 -20.52 9.64 9.71
CA LEU B 171 -20.44 10.56 8.59
C LEU B 171 -21.86 10.84 8.11
N ALA B 172 -22.25 12.11 8.07
CA ALA B 172 -23.61 12.53 7.71
C ALA B 172 -23.57 13.65 6.66
N ILE B 173 -24.76 13.94 6.09
CA ILE B 173 -24.93 14.90 5.02
C ILE B 173 -25.94 15.96 5.39
N ALA B 174 -25.63 17.22 5.10
CA ALA B 174 -26.64 18.32 5.15
C ALA B 174 -26.55 19.14 3.89
N THR B 175 -27.65 19.76 3.47
CA THR B 175 -27.66 20.55 2.26
C THR B 175 -28.26 21.93 2.55
N SER B 176 -27.91 22.89 1.71
CA SER B 176 -28.37 24.26 1.83
CA SER B 176 -28.43 24.24 1.78
C SER B 176 -28.17 24.99 0.49
N ARG B 177 -28.99 26.01 0.25
CA ARG B 177 -28.74 26.93 -0.87
C ARG B 177 -28.04 28.21 -0.41
N ASN B 178 -28.10 28.55 0.88
CA ASN B 178 -27.55 29.84 1.35
C ASN B 178 -26.48 29.75 2.47
N LEU B 179 -26.10 28.52 2.86
CA LEU B 179 -25.11 28.25 3.93
C LEU B 179 -25.54 28.59 5.35
N LYS B 180 -26.82 29.00 5.51
CA LYS B 180 -27.44 29.34 6.81
C LYS B 180 -28.53 28.39 7.21
N ASP B 181 -29.41 28.11 6.25
CA ASP B 181 -30.58 27.26 6.46
C ASP B 181 -30.28 25.87 5.90
N TRP B 182 -29.91 24.99 6.82
CA TRP B 182 -29.45 23.66 6.49
C TRP B 182 -30.55 22.64 6.70
N THR B 183 -30.57 21.64 5.81
CA THR B 183 -31.48 20.47 5.96
C THR B 183 -30.58 19.24 6.22
N LYS B 184 -30.79 18.60 7.37
CA LYS B 184 -30.07 17.41 7.73
C LYS B 184 -30.71 16.21 7.08
N HIS B 185 -29.91 15.35 6.47
CA HIS B 185 -30.40 14.15 5.80
C HIS B 185 -30.01 12.86 6.51
N GLY B 186 -29.16 12.95 7.53
CA GLY B 186 -28.73 11.80 8.27
C GLY B 186 -27.45 11.13 7.76
N PRO B 187 -27.10 10.00 8.37
CA PRO B 187 -25.85 9.32 8.01
C PRO B 187 -25.79 9.00 6.50
N ALA B 188 -24.61 9.23 5.93
CA ALA B 188 -24.34 8.98 4.52
C ALA B 188 -24.62 7.54 4.14
N PHE B 189 -24.35 6.63 5.08
CA PHE B 189 -24.47 5.18 4.81
C PHE B 189 -25.68 4.54 5.51
N ALA B 190 -26.69 5.36 5.85
CA ALA B 190 -27.88 4.82 6.51
C ALA B 190 -28.65 3.81 5.64
N LYS B 191 -28.82 4.11 4.36
CA LYS B 191 -29.78 3.40 3.50
C LYS B 191 -29.18 2.19 2.74
N ALA B 192 -27.92 2.30 2.34
CA ALA B 192 -27.31 1.30 1.47
C ALA B 192 -27.31 -0.07 2.12
N TYR B 193 -27.47 -1.09 1.29
CA TYR B 193 -27.36 -2.51 1.69
C TYR B 193 -28.26 -2.79 2.92
N ASP B 194 -29.51 -2.31 2.85
CA ASP B 194 -30.49 -2.47 3.93
C ASP B 194 -30.01 -2.04 5.33
N GLY B 195 -29.25 -0.95 5.33
CA GLY B 195 -28.70 -0.34 6.52
C GLY B 195 -27.53 -1.07 7.18
N LYS B 196 -26.81 -1.88 6.41
CA LYS B 196 -25.63 -2.60 6.95
C LYS B 196 -24.65 -1.72 7.71
N PHE B 197 -24.38 -0.53 7.14
CA PHE B 197 -23.38 0.36 7.71
C PHE B 197 -23.97 1.52 8.50
N PHE B 198 -25.24 1.42 8.91
CA PHE B 198 -25.81 2.50 9.73
C PHE B 198 -25.01 2.77 11.00
N ASN B 199 -24.57 1.69 11.66
CA ASN B 199 -23.78 1.78 12.90
C ASN B 199 -22.25 1.82 12.73
N LEU B 200 -21.80 2.01 11.48
CA LEU B 200 -20.36 2.12 11.20
C LEU B 200 -19.83 3.40 11.79
N GLY B 201 -18.77 3.30 12.60
CA GLY B 201 -18.03 4.48 12.99
C GLY B 201 -17.24 5.03 11.81
N CYS B 202 -17.52 6.26 11.41
CA CYS B 202 -16.94 6.86 10.24
C CYS B 202 -17.01 8.37 10.26
N LYS B 203 -16.18 8.98 9.43
CA LYS B 203 -16.03 10.43 9.35
C LYS B 203 -15.17 10.77 8.11
N SER B 204 -15.10 12.07 7.83
CA SER B 204 -14.12 12.65 6.89
C SER B 204 -14.45 12.33 5.44
N GLY B 205 -15.43 13.00 4.87
CA GLY B 205 -15.87 12.77 3.51
C GLY B 205 -15.54 13.86 2.53
N SER B 206 -14.77 13.50 1.49
CA SER B 206 -14.25 14.38 0.44
C SER B 206 -14.92 14.08 -0.90
N ILE B 207 -15.96 14.85 -1.18
CA ILE B 207 -16.70 14.72 -2.46
C ILE B 207 -15.83 15.17 -3.62
N LEU B 208 -15.93 14.47 -4.74
CA LEU B 208 -15.19 14.82 -5.96
C LEU B 208 -15.75 16.08 -6.63
N THR B 209 -14.84 17.00 -7.01
CA THR B 209 -15.12 18.28 -7.61
C THR B 209 -14.22 18.52 -8.83
N GLU B 210 -14.52 19.55 -9.61
CA GLU B 210 -13.68 19.97 -10.73
C GLU B 210 -13.85 21.47 -10.88
N VAL B 211 -12.82 22.16 -11.33
CA VAL B 211 -12.96 23.59 -11.69
C VAL B 211 -13.43 23.66 -13.15
N VAL B 212 -14.61 24.24 -13.34
CA VAL B 212 -15.26 24.39 -14.65
C VAL B 212 -15.59 25.87 -14.82
N ASN B 213 -15.07 26.49 -15.89
CA ASN B 213 -15.33 27.93 -16.13
C ASN B 213 -14.98 28.78 -14.89
N GLY B 214 -13.90 28.39 -14.23
CA GLY B 214 -13.36 29.12 -13.09
C GLY B 214 -14.03 28.90 -11.75
N LYS B 215 -14.99 27.96 -11.67
CA LYS B 215 -15.75 27.69 -10.46
C LYS B 215 -15.62 26.21 -10.10
N GLN B 216 -15.31 25.93 -8.84
CA GLN B 216 -15.19 24.55 -8.36
C GLN B 216 -16.56 24.01 -8.03
N VAL B 217 -16.95 22.97 -8.78
CA VAL B 217 -18.27 22.37 -8.66
C VAL B 217 -18.16 20.87 -8.52
N ILE B 218 -19.18 20.27 -7.91
CA ILE B 218 -19.24 18.81 -7.75
C ILE B 218 -19.22 18.12 -9.14
N LYS B 219 -18.47 17.02 -9.24
CA LYS B 219 -18.23 16.33 -10.52
C LYS B 219 -18.79 14.93 -10.49
N LYS B 220 -19.59 14.61 -11.49
CA LYS B 220 -20.00 13.23 -11.67
C LYS B 220 -18.96 12.43 -12.47
N ILE B 221 -18.89 11.14 -12.15
CA ILE B 221 -18.10 10.17 -12.90
C ILE B 221 -18.97 8.96 -13.17
N ASP B 222 -18.99 8.55 -14.42
CA ASP B 222 -19.84 7.43 -14.88
C ASP B 222 -21.30 7.59 -14.42
N GLY B 223 -21.79 8.81 -14.49
CA GLY B 223 -23.20 9.11 -14.20
C GLY B 223 -23.60 9.16 -12.74
N LYS B 224 -22.63 9.07 -11.82
CA LYS B 224 -22.89 9.15 -10.41
C LYS B 224 -21.93 10.12 -9.73
N TYR B 225 -22.34 10.58 -8.56
CA TYR B 225 -21.46 11.33 -7.67
C TYR B 225 -20.48 10.39 -6.99
N PHE B 226 -19.39 10.95 -6.52
CA PHE B 226 -18.27 10.18 -5.98
C PHE B 226 -17.71 10.89 -4.74
N MET B 227 -17.31 10.09 -3.75
CA MET B 227 -16.68 10.60 -2.53
C MET B 227 -15.61 9.65 -2.06
N TYR B 228 -14.44 10.22 -1.71
CA TYR B 228 -13.44 9.52 -0.90
C TYR B 228 -13.78 9.77 0.56
N TRP B 229 -13.62 8.80 1.45
CA TRP B 229 -13.94 9.02 2.85
C TRP B 229 -13.12 8.13 3.75
N GLY B 230 -12.98 8.52 5.02
CA GLY B 230 -12.37 7.69 6.04
C GLY B 230 -11.26 8.33 6.79
N GLU B 231 -11.00 7.74 7.93
CA GLU B 231 -9.95 8.17 8.86
C GLU B 231 -8.78 7.19 8.95
N GLU B 232 -9.05 5.90 9.21
CA GLU B 232 -8.01 4.88 9.42
C GLU B 232 -7.48 4.34 8.11
N HIS B 233 -8.27 4.44 7.04
CA HIS B 233 -7.95 4.09 5.68
C HIS B 233 -8.70 5.02 4.76
N VAL B 234 -8.32 5.07 3.49
CA VAL B 234 -9.11 5.79 2.51
C VAL B 234 -10.01 4.78 1.80
N PHE B 235 -11.32 5.06 1.88
CA PHE B 235 -12.40 4.29 1.26
C PHE B 235 -13.07 5.20 0.22
N ALA B 236 -14.08 4.66 -0.47
CA ALA B 236 -14.83 5.47 -1.44
C ALA B 236 -16.30 5.08 -1.48
N ALA B 237 -17.11 5.92 -2.11
CA ALA B 237 -18.56 5.71 -2.20
C ALA B 237 -19.08 6.44 -3.43
N THR B 238 -20.26 5.98 -3.89
CA THR B 238 -21.01 6.65 -4.96
C THR B 238 -22.40 7.04 -4.47
N SER B 239 -23.02 7.94 -5.21
CA SER B 239 -24.41 8.37 -4.90
C SER B 239 -25.05 8.87 -6.17
N GLU B 240 -26.39 8.66 -6.23
CA GLU B 240 -27.24 9.25 -7.29
C GLU B 240 -27.83 10.60 -6.90
N ASP B 241 -27.92 10.85 -5.60
CA ASP B 241 -28.66 11.99 -5.05
C ASP B 241 -27.92 12.91 -4.07
N LEU B 242 -26.65 12.62 -3.85
CA LEU B 242 -25.73 13.37 -2.96
C LEU B 242 -25.94 13.18 -1.46
N VAL B 243 -26.99 12.45 -1.08
CA VAL B 243 -27.33 12.24 0.33
C VAL B 243 -27.25 10.80 0.76
N ASN B 244 -27.65 9.87 -0.11
CA ASN B 244 -27.55 8.44 0.16
C ASN B 244 -26.36 7.87 -0.61
N TRP B 245 -25.35 7.45 0.15
CA TRP B 245 -24.07 6.98 -0.43
C TRP B 245 -23.93 5.47 -0.25
N THR B 246 -23.28 4.85 -1.25
CA THR B 246 -23.04 3.39 -1.24
C THR B 246 -21.51 3.17 -1.27
N PRO B 247 -20.95 2.58 -0.22
CA PRO B 247 -19.49 2.36 -0.26
C PRO B 247 -19.07 1.35 -1.32
N TYR B 248 -17.84 1.54 -1.85
CA TYR B 248 -17.18 0.50 -2.64
C TYR B 248 -16.81 -0.64 -1.71
N VAL B 249 -17.08 -1.86 -2.17
CA VAL B 249 -16.87 -3.04 -1.36
C VAL B 249 -16.01 -4.10 -2.08
N ASN B 250 -15.45 -4.96 -1.24
CA ASN B 250 -14.65 -6.09 -1.66
C ASN B 250 -15.49 -7.23 -2.20
N THR B 251 -14.82 -8.27 -2.68
CA THR B 251 -15.51 -9.48 -3.17
C THR B 251 -16.56 -9.99 -2.17
N ASP B 252 -16.24 -9.93 -0.88
CA ASP B 252 -17.10 -10.39 0.22
C ASP B 252 -18.02 -9.33 0.81
N GLY B 253 -18.07 -8.15 0.23
CA GLY B 253 -18.93 -7.07 0.73
C GLY B 253 -18.36 -6.18 1.83
N SER B 254 -17.15 -6.49 2.30
CA SER B 254 -16.48 -5.64 3.26
C SER B 254 -16.00 -4.34 2.60
N LEU B 255 -15.75 -3.32 3.42
CA LEU B 255 -15.35 -2.00 2.87
C LEU B 255 -13.99 -2.11 2.17
N ARG B 256 -13.92 -1.67 0.92
CA ARG B 256 -12.68 -1.77 0.12
C ARG B 256 -11.72 -0.64 0.44
N LYS B 257 -10.53 -0.99 0.94
CA LYS B 257 -9.49 0.02 1.24
C LYS B 257 -8.77 0.44 -0.06
N LEU B 258 -8.85 1.71 -0.40
CA LEU B 258 -8.15 2.24 -1.59
C LEU B 258 -6.65 2.41 -1.34
N PHE B 259 -6.31 2.85 -0.13
CA PHE B 259 -4.91 2.84 0.40
C PHE B 259 -5.00 3.03 1.90
N SER B 260 -3.87 2.81 2.57
CA SER B 260 -3.80 2.72 3.99
C SER B 260 -2.53 3.39 4.54
N PRO B 261 -2.49 3.58 5.86
CA PRO B 261 -1.24 4.03 6.45
C PRO B 261 -0.09 3.06 6.13
N ARG B 262 1.14 3.59 6.21
CA ARG B 262 2.36 2.83 5.87
C ARG B 262 3.45 3.06 6.89
N ASP B 263 4.26 2.03 7.10
CA ASP B 263 5.36 2.14 8.07
C ASP B 263 6.41 3.11 7.55
N GLY B 264 6.97 3.88 8.50
CA GLY B 264 8.16 4.66 8.19
C GLY B 264 7.94 6.04 7.61
N HIS B 265 6.68 6.42 7.37
CA HIS B 265 6.30 7.72 6.81
C HIS B 265 5.41 8.47 7.79
N PHE B 266 5.22 9.75 7.48
CA PHE B 266 4.35 10.62 8.28
C PHE B 266 2.90 10.11 8.39
N ASP B 267 2.44 9.36 7.36
CA ASP B 267 1.05 8.87 7.31
C ASP B 267 1.09 7.39 7.69
N SER B 268 1.45 7.13 8.96
CA SER B 268 1.76 5.80 9.45
C SER B 268 0.75 5.23 10.44
N GLN B 269 -0.09 6.10 11.00
CA GLN B 269 -1.18 5.67 11.88
C GLN B 269 -2.57 5.89 11.27
N LEU B 270 -2.72 6.99 10.53
CA LEU B 270 -4.00 7.37 9.87
C LEU B 270 -3.71 7.95 8.49
N THR B 271 -4.65 7.79 7.56
CA THR B 271 -4.70 8.45 6.28
C THR B 271 -6.14 8.98 6.16
N GLU B 272 -6.34 10.21 6.58
CA GLU B 272 -7.69 10.75 6.81
C GLU B 272 -8.02 11.79 5.77
N CYS B 273 -9.12 11.59 5.04
CA CYS B 273 -9.48 12.50 3.96
C CYS B 273 -9.58 13.95 4.46
N GLY B 274 -9.14 14.87 3.59
CA GLY B 274 -9.12 16.29 3.93
C GLY B 274 -10.21 17.08 3.20
N PRO B 275 -9.86 18.11 2.44
CA PRO B 275 -10.89 18.87 1.72
C PRO B 275 -11.50 18.04 0.58
N PRO B 276 -12.56 18.56 -0.08
CA PRO B 276 -13.06 17.92 -1.32
C PRO B 276 -11.96 17.56 -2.32
N ALA B 277 -12.09 16.39 -2.93
CA ALA B 277 -11.13 15.93 -3.92
C ALA B 277 -11.26 16.71 -5.23
N ILE B 278 -10.20 16.80 -6.02
CA ILE B 278 -10.16 17.65 -7.22
C ILE B 278 -9.76 16.85 -8.46
N TYR B 279 -10.67 16.80 -9.41
CA TYR B 279 -10.43 16.19 -10.71
C TYR B 279 -9.66 17.17 -11.55
N THR B 280 -8.51 16.74 -12.08
CA THR B 280 -7.62 17.61 -12.83
C THR B 280 -7.25 16.88 -14.10
N PRO B 281 -6.67 17.61 -15.07
CA PRO B 281 -6.14 16.96 -16.26
C PRO B 281 -5.02 15.95 -16.01
N LYS B 282 -4.35 15.99 -14.85
CA LYS B 282 -3.30 15.00 -14.57
C LYS B 282 -3.78 13.82 -13.70
N GLY B 283 -5.08 13.76 -13.37
CA GLY B 283 -5.61 12.78 -12.45
C GLY B 283 -6.43 13.43 -11.34
N ILE B 284 -6.96 12.59 -10.47
CA ILE B 284 -7.74 13.05 -9.34
C ILE B 284 -6.81 13.21 -8.13
N VAL B 285 -6.83 14.39 -7.50
CA VAL B 285 -5.99 14.63 -6.31
C VAL B 285 -6.86 14.61 -5.07
N LEU B 286 -6.51 13.75 -4.12
CA LEU B 286 -7.08 13.72 -2.79
C LEU B 286 -6.01 14.29 -1.85
N LEU B 287 -6.32 15.45 -1.28
CA LEU B 287 -5.47 16.05 -0.23
C LEU B 287 -5.95 15.49 1.10
N TYR B 288 -5.04 14.99 1.92
CA TYR B 288 -5.41 14.24 3.12
C TYR B 288 -4.48 14.54 4.31
N ASN B 289 -4.87 14.03 5.47
CA ASN B 289 -4.20 14.23 6.73
C ASN B 289 -3.57 12.93 7.20
N GLY B 290 -2.25 12.96 7.41
CA GLY B 290 -1.54 11.79 7.94
C GLY B 290 -1.28 11.96 9.42
N LYS B 291 -1.43 10.92 10.20
CA LYS B 291 -0.99 10.90 11.60
C LYS B 291 0.25 10.04 11.72
N ASN B 292 1.30 10.62 12.34
CA ASN B 292 2.60 9.95 12.50
C ASN B 292 2.57 9.04 13.72
N SER B 293 2.70 7.73 13.47
CA SER B 293 2.74 6.73 14.55
C SER B 293 4.01 6.89 15.38
N ALA B 294 3.84 6.81 16.69
CA ALA B 294 4.98 6.82 17.62
C ALA B 294 5.77 5.52 17.55
N SER B 295 5.16 4.43 17.13
CA SER B 295 5.79 3.12 17.09
C SER B 295 6.27 2.71 15.71
N ARG B 296 5.55 3.12 14.66
CA ARG B 296 5.81 2.65 13.30
C ARG B 296 6.00 3.76 12.28
N GLY B 297 6.22 4.97 12.79
CA GLY B 297 6.29 6.16 11.95
C GLY B 297 7.65 6.63 11.54
N ASP B 298 7.69 7.91 11.16
CA ASP B 298 8.91 8.54 10.69
C ASP B 298 9.45 9.42 11.81
N LYS B 299 10.59 9.01 12.38
CA LYS B 299 11.16 9.71 13.55
C LYS B 299 11.64 11.14 13.26
N ARG B 300 11.74 11.51 11.98
CA ARG B 300 12.08 12.90 11.61
C ARG B 300 10.97 13.90 11.97
N TYR B 301 9.74 13.40 12.11
CA TYR B 301 8.60 14.21 12.48
C TYR B 301 8.17 13.90 13.89
N THR B 302 7.51 14.87 14.51
CA THR B 302 7.02 14.72 15.87
C THR B 302 6.09 13.50 15.98
N ALA B 303 6.25 12.69 17.01
CA ALA B 303 5.36 11.57 17.23
C ALA B 303 3.93 12.09 17.42
N ASN B 304 2.98 11.45 16.73
CA ASN B 304 1.54 11.74 16.80
C ASN B 304 1.13 13.00 16.08
N VAL B 305 2.03 13.67 15.38
CA VAL B 305 1.65 14.86 14.64
C VAL B 305 0.73 14.52 13.47
N TYR B 306 -0.18 15.44 13.14
CA TYR B 306 -0.91 15.40 11.87
C TYR B 306 -0.29 16.38 10.87
N ALA B 307 0.21 15.84 9.77
CA ALA B 307 0.77 16.60 8.66
C ALA B 307 0.13 16.12 7.36
N ALA B 308 0.05 17.00 6.37
CA ALA B 308 -0.81 16.80 5.22
C ALA B 308 -0.08 16.18 4.03
N GLY B 309 -0.75 15.25 3.36
CA GLY B 309 -0.25 14.57 2.17
C GLY B 309 -1.16 14.77 0.97
N GLN B 310 -0.78 14.21 -0.17
CA GLN B 310 -1.63 14.18 -1.38
C GLN B 310 -1.49 12.84 -2.05
N ALA B 311 -2.62 12.30 -2.52
CA ALA B 311 -2.64 11.08 -3.32
C ALA B 311 -3.25 11.37 -4.69
N LEU B 312 -2.76 10.66 -5.69
CA LEU B 312 -3.21 10.76 -7.05
C LEU B 312 -3.93 9.47 -7.44
N PHE B 313 -5.15 9.64 -7.99
CA PHE B 313 -5.97 8.56 -8.48
C PHE B 313 -6.21 8.72 -9.99
N ASP B 314 -6.49 7.59 -10.65
CA ASP B 314 -6.74 7.61 -12.10
CA ASP B 314 -6.76 7.59 -12.11
C ASP B 314 -8.04 8.38 -12.44
N ALA B 315 -7.94 9.36 -13.34
CA ALA B 315 -9.10 10.15 -13.76
C ALA B 315 -10.20 9.31 -14.40
N ASN B 316 -9.84 8.18 -15.01
CA ASN B 316 -10.82 7.30 -15.69
C ASN B 316 -11.21 6.11 -14.82
N ASP B 317 -10.69 6.02 -13.59
CA ASP B 317 -10.95 4.89 -12.68
C ASP B 317 -10.67 5.40 -11.27
N PRO B 318 -11.61 6.15 -10.66
CA PRO B 318 -11.29 6.98 -9.52
C PRO B 318 -10.91 6.23 -8.25
N THR B 319 -11.18 4.93 -8.17
CA THR B 319 -10.70 4.15 -7.06
C THR B 319 -9.29 3.57 -7.22
N ARG B 320 -8.69 3.80 -8.40
CA ARG B 320 -7.36 3.23 -8.71
C ARG B 320 -6.23 4.17 -8.26
N PHE B 321 -5.62 3.82 -7.14
CA PHE B 321 -4.45 4.57 -6.61
C PHE B 321 -3.24 4.53 -7.55
N ILE B 322 -2.65 5.69 -7.79
CA ILE B 322 -1.44 5.80 -8.58
C ILE B 322 -0.21 6.04 -7.68
N THR B 323 -0.24 7.08 -6.85
CA THR B 323 0.93 7.42 -6.03
C THR B 323 0.49 8.38 -4.92
N ARG B 324 1.40 8.58 -3.95
CA ARG B 324 1.21 9.60 -2.92
C ARG B 324 2.56 10.24 -2.62
N LEU B 325 2.51 11.44 -2.07
CA LEU B 325 3.78 12.09 -1.68
C LEU B 325 4.43 11.30 -0.55
N ASP B 326 5.77 11.18 -0.61
CA ASP B 326 6.51 10.45 0.44
C ASP B 326 6.69 11.24 1.77
N GLU B 327 6.63 12.57 1.64
CA GLU B 327 6.81 13.50 2.73
C GLU B 327 5.60 14.44 2.72
N PRO B 328 5.23 15.00 3.88
CA PRO B 328 4.10 15.91 3.87
C PRO B 328 4.41 17.20 3.13
N PHE B 329 3.43 17.76 2.42
CA PHE B 329 3.60 19.05 1.76
C PHE B 329 3.39 20.25 2.69
N PHE B 330 2.71 20.02 3.81
CA PHE B 330 2.29 21.09 4.71
C PHE B 330 2.27 20.41 6.09
N ARG B 331 2.97 21.00 7.07
CA ARG B 331 3.11 20.42 8.38
C ARG B 331 3.13 21.52 9.44
N PRO B 332 3.00 21.15 10.72
CA PRO B 332 3.03 22.22 11.73
C PRO B 332 4.40 22.94 11.74
N MET B 333 4.36 24.27 11.58
CA MET B 333 5.58 25.09 11.58
CA MET B 333 5.57 25.15 11.51
C MET B 333 5.54 26.22 12.60
N ASP B 334 4.35 26.81 12.86
CA ASP B 334 4.18 27.85 13.82
C ASP B 334 3.67 27.28 15.16
N SER B 335 3.78 28.07 16.26
CA SER B 335 3.49 27.56 17.63
C SER B 335 2.06 26.99 17.74
N PHE B 336 1.06 27.70 17.21
CA PHE B 336 -0.36 27.32 17.28
CA PHE B 336 -0.34 27.22 17.41
C PHE B 336 -0.67 26.03 16.50
N GLU B 337 0.14 25.77 15.49
CA GLU B 337 0.03 24.53 14.74
C GLU B 337 0.68 23.36 15.50
N LYS B 338 1.80 23.66 16.16
CA LYS B 338 2.60 22.60 16.79
C LYS B 338 2.04 22.07 18.10
N SER B 339 1.23 22.86 18.78
CA SER B 339 0.61 22.37 20.05
CA SER B 339 0.61 22.38 20.04
C SER B 339 -0.62 23.21 20.38
N GLY B 340 -1.60 22.53 20.96
CA GLY B 340 -2.83 23.17 21.38
C GLY B 340 -3.62 22.17 22.18
N GLN B 341 -4.95 22.18 21.98
CA GLN B 341 -5.80 21.16 22.56
C GLN B 341 -5.26 19.74 22.24
N TYR B 342 -4.86 19.54 20.99
CA TYR B 342 -4.13 18.37 20.56
C TYR B 342 -2.64 18.67 20.75
N VAL B 343 -2.05 18.07 21.78
CA VAL B 343 -0.72 18.54 22.27
C VAL B 343 0.37 18.31 21.25
N ASP B 344 0.23 17.28 20.41
CA ASP B 344 1.28 16.94 19.45
C ASP B 344 1.20 17.63 18.09
N GLY B 345 0.19 18.48 17.89
CA GLY B 345 0.13 19.36 16.74
C GLY B 345 -0.71 18.80 15.58
N THR B 346 -1.36 19.71 14.87
CA THR B 346 -1.98 19.39 13.59
C THR B 346 -1.91 20.59 12.66
N VAL B 347 -1.87 20.30 11.35
CA VAL B 347 -2.38 21.19 10.30
C VAL B 347 -3.47 20.35 9.61
N PHE B 348 -4.69 20.42 10.14
CA PHE B 348 -5.76 19.49 9.71
C PHE B 348 -6.50 20.11 8.54
N ILE B 349 -6.11 19.73 7.33
CA ILE B 349 -6.56 20.42 6.14
C ILE B 349 -7.98 19.98 5.80
N GLU B 350 -8.81 20.96 5.46
CA GLU B 350 -10.27 20.64 5.41
C GLU B 350 -11.08 21.53 4.47
N GLY B 351 -10.61 22.72 4.14
CA GLY B 351 -11.31 23.61 3.24
C GLY B 351 -10.38 24.15 2.17
N MET B 352 -10.85 24.30 0.95
CA MET B 352 -10.08 24.91 -0.15
C MET B 352 -11.02 25.76 -0.99
N VAL B 353 -10.59 26.96 -1.38
CA VAL B 353 -11.38 27.80 -2.30
C VAL B 353 -10.48 28.28 -3.42
N TYR B 354 -10.95 28.12 -4.66
CA TYR B 354 -10.31 28.68 -5.84
C TYR B 354 -10.86 30.09 -6.01
N TYR B 355 -10.03 31.10 -5.79
CA TYR B 355 -10.49 32.49 -5.64
C TYR B 355 -9.42 33.41 -6.12
N LYS B 356 -9.80 34.35 -6.96
CA LYS B 356 -8.89 35.33 -7.50
C LYS B 356 -7.61 34.65 -8.05
N ASP B 357 -7.85 33.54 -8.76
CA ASP B 357 -6.86 32.81 -9.51
C ASP B 357 -5.84 32.04 -8.64
N LYS B 358 -6.10 31.92 -7.35
CA LYS B 358 -5.23 31.21 -6.44
C LYS B 358 -6.04 30.22 -5.57
N TRP B 359 -5.37 29.30 -4.88
CA TRP B 359 -6.03 28.36 -3.98
C TRP B 359 -5.80 28.73 -2.54
N TYR B 360 -6.87 28.96 -1.80
CA TYR B 360 -6.86 29.30 -0.41
C TYR B 360 -7.19 28.04 0.40
N LEU B 361 -6.27 27.63 1.26
CA LEU B 361 -6.38 26.44 2.09
C LEU B 361 -6.72 26.82 3.53
N TYR B 362 -7.70 26.16 4.13
CA TYR B 362 -8.13 26.39 5.50
C TYR B 362 -7.99 25.10 6.30
N TYR B 363 -7.44 25.22 7.51
CA TYR B 363 -7.06 24.07 8.29
C TYR B 363 -7.20 24.32 9.78
N GLY B 364 -7.38 23.24 10.52
CA GLY B 364 -7.29 23.30 11.97
C GLY B 364 -5.84 23.34 12.46
N CYS B 365 -5.59 24.09 13.52
CA CYS B 365 -4.25 24.22 14.09
C CYS B 365 -4.35 23.63 15.52
N ALA B 366 -3.82 22.41 15.64
CA ALA B 366 -3.74 21.69 16.89
C ALA B 366 -5.07 21.61 17.68
N ASP B 367 -6.16 21.44 16.93
CA ASP B 367 -7.49 21.36 17.50
C ASP B 367 -7.87 22.63 18.31
N SER B 368 -7.29 23.77 17.94
CA SER B 368 -7.51 25.03 18.72
C SER B 368 -7.82 26.28 17.93
N LYS B 369 -7.20 26.47 16.77
CA LYS B 369 -7.38 27.67 15.96
C LYS B 369 -7.67 27.25 14.51
N VAL B 370 -8.10 28.20 13.69
CA VAL B 370 -8.16 28.04 12.23
C VAL B 370 -7.02 28.84 11.63
N GLY B 371 -6.31 28.20 10.69
CA GLY B 371 -5.27 28.85 9.89
C GLY B 371 -5.58 28.80 8.41
N MET B 372 -4.84 29.58 7.63
CA MET B 372 -4.95 29.58 6.18
C MET B 372 -3.59 29.71 5.52
N ALA B 373 -3.54 29.33 4.25
CA ALA B 373 -2.34 29.52 3.42
C ALA B 373 -2.77 29.57 1.96
N ILE B 374 -1.91 30.07 1.08
CA ILE B 374 -2.25 30.39 -0.29
C ILE B 374 -1.26 29.74 -1.26
N TYR B 375 -1.75 28.98 -2.23
CA TYR B 375 -1.00 28.43 -3.35
C TYR B 375 -1.30 29.23 -4.60
N ASN B 376 -0.25 29.65 -5.31
CA ASN B 376 -0.38 30.33 -6.59
C ASN B 376 0.01 29.41 -7.75
N PRO B 377 -0.96 28.87 -8.51
CA PRO B 377 -0.60 27.96 -9.61
C PRO B 377 0.26 28.57 -10.69
N LYS B 378 0.15 29.88 -10.87
CA LYS B 378 0.95 30.52 -11.91
CA LYS B 378 0.95 30.60 -11.86
C LYS B 378 2.43 30.59 -11.51
N LYS B 379 2.69 30.67 -10.20
CA LYS B 379 4.08 30.81 -9.67
C LYS B 379 4.26 29.96 -8.40
N PRO B 380 4.32 28.63 -8.57
CA PRO B 380 4.24 27.76 -7.39
C PRO B 380 5.46 27.90 -6.43
N ALA B 381 5.14 28.17 -5.16
CA ALA B 381 6.17 28.25 -4.11
C ALA B 381 6.68 26.85 -3.74
N ALA B 382 7.85 26.78 -3.09
CA ALA B 382 8.25 25.52 -2.46
C ALA B 382 7.22 25.13 -1.37
N ALA B 383 7.17 23.83 -1.08
CA ALA B 383 6.34 23.29 -0.02
C ALA B 383 7.03 23.48 1.33
N ASP B 384 6.46 23.03 2.45
CA ASP B 384 7.13 23.20 3.74
C ASP B 384 8.42 22.38 3.71
N PRO B 385 9.52 22.96 4.22
CA PRO B 385 10.78 22.23 4.21
C PRO B 385 10.75 20.97 5.06
N LEU B 386 11.60 20.00 4.71
CA LEU B 386 11.69 18.80 5.50
C LEU B 386 12.43 19.11 6.81
N PRO B 387 12.15 18.39 7.91
CA PRO B 387 12.87 18.61 9.18
C PRO B 387 14.37 18.33 9.07
N ALA B 388 14.84 17.38 8.27
CA ALA B 388 14.41 15.98 8.15
C ALA B 388 15.27 15.06 9.08
C1 BMA C . 3.67 -23.95 3.69
C2 BMA C . 4.14 -24.18 2.25
C3 BMA C . 4.88 -25.49 2.19
C4 BMA C . 6.00 -25.51 3.22
C5 BMA C . 5.52 -25.02 4.59
C6 BMA C . 6.64 -24.87 5.60
O1 BMA C . 2.89 -22.78 3.90
O2 BMA C . 5.03 -23.14 1.83
O3 BMA C . 5.41 -25.80 0.85
O4 BMA C . 6.49 -26.85 3.31
O5 BMA C . 4.80 -23.76 4.54
O6 BMA C . 7.64 -23.94 5.17
C1 MAN D . 3.76 -23.95 3.84
C2 MAN D . 4.12 -23.88 2.42
C3 MAN D . 4.83 -25.18 2.15
C4 MAN D . 5.99 -25.49 3.09
C5 MAN D . 5.59 -25.27 4.53
C6 MAN D . 6.79 -25.08 5.45
O1 MAN D . 2.74 -24.80 4.19
O2 MAN D . 5.05 -22.84 2.13
O3 MAN D . 5.37 -25.26 0.81
O4 MAN D . 6.39 -26.87 2.95
O5 MAN D . 4.82 -24.08 4.69
O6 MAN D . 7.62 -23.98 5.06
C1 MAN E . 4.06 -20.50 0.28
C2 MAN E . 5.30 -20.49 -0.64
C3 MAN E . 5.66 -21.81 -1.35
C4 MAN E . 4.40 -22.51 -1.90
C5 MAN E . 3.10 -21.74 -1.59
C6 MAN E . 1.84 -22.53 -1.99
O1 MAN E . 3.43 -19.12 0.44
O2 MAN E . 6.39 -20.08 0.20
O3 MAN E . 6.30 -22.73 -0.48
O4 MAN E . 4.62 -22.68 -3.28
O5 MAN E . 3.09 -21.49 -0.15
O6 MAN E . 1.75 -23.73 -1.22
S SO4 F . 11.66 -35.18 -17.11
O1 SO4 F . 13.11 -34.93 -16.82
O2 SO4 F . 10.85 -34.30 -16.22
O3 SO4 F . 11.35 -36.61 -16.88
O4 SO4 F . 11.35 -34.82 -18.53
S SO4 G . 0.64 -36.72 7.22
O1 SO4 G . 1.99 -36.24 7.68
O2 SO4 G . -0.08 -37.14 8.44
O3 SO4 G . 0.92 -37.81 6.25
O4 SO4 G . -0.19 -35.73 6.40
S SO4 H . 36.04 -21.50 -8.44
O1 SO4 H . 37.19 -21.68 -9.39
O2 SO4 H . 36.59 -21.63 -7.07
O3 SO4 H . 35.01 -22.56 -8.62
O4 SO4 H . 35.43 -20.17 -8.65
S SO4 I . 11.95 -24.71 17.12
O1 SO4 I . 11.59 -24.56 15.71
O2 SO4 I . 13.13 -25.62 17.25
O3 SO4 I . 10.77 -25.27 17.84
O4 SO4 I . 12.37 -23.44 17.73
S SO4 J . 28.21 -3.00 -18.79
O1 SO4 J . 28.26 -4.09 -19.83
O2 SO4 J . 28.30 -3.51 -17.39
O3 SO4 J . 26.93 -2.22 -18.95
O4 SO4 J . 29.39 -2.13 -19.02
S SO4 K . -16.17 -8.70 -28.32
O1 SO4 K . -15.85 -7.43 -29.02
O2 SO4 K . -15.22 -9.79 -28.76
O3 SO4 K . -16.12 -8.54 -26.86
O4 SO4 K . -17.52 -9.15 -28.68
C1 BMA L . -11.89 11.86 18.31
C2 BMA L . -11.53 13.25 17.78
C3 BMA L . -12.46 14.29 18.40
C4 BMA L . -13.91 13.92 18.18
C5 BMA L . -14.15 12.48 18.59
C6 BMA L . -15.54 12.06 18.12
O1 BMA L . -11.11 10.83 17.73
O2 BMA L . -11.69 13.35 16.38
O3 BMA L . -12.24 15.59 17.84
O4 BMA L . -14.77 14.79 18.92
O5 BMA L . -13.25 11.56 17.97
O6 BMA L . -15.67 12.17 16.69
C1 MAN M . -12.07 12.16 18.24
C2 MAN M . -11.54 13.33 17.52
C3 MAN M . -12.40 14.47 18.06
C4 MAN M . -13.87 14.13 17.92
C5 MAN M . -14.22 12.68 18.33
C6 MAN M . -15.59 12.24 17.83
O1 MAN M . -11.72 11.86 19.56
O2 MAN M . -11.81 13.26 16.13
O3 MAN M . -12.15 15.71 17.38
O4 MAN M . -14.56 15.05 18.75
O5 MAN M . -13.31 11.73 17.81
O6 MAN M . -15.72 12.35 16.39
C1 MAN N . -9.36 12.93 14.22
C2 MAN N . -9.87 14.02 13.27
C3 MAN N . -10.17 15.42 13.86
C4 MAN N . -9.12 15.87 14.86
C5 MAN N . -8.02 14.82 15.04
C6 MAN N . -7.05 15.15 16.19
O1 MAN N . -8.58 11.86 13.45
O2 MAN N . -11.05 13.44 12.68
O3 MAN N . -11.42 15.47 14.51
O4 MAN N . -8.63 17.11 14.41
O5 MAN N . -8.67 13.54 15.33
O6 MAN N . -7.75 15.22 17.44
S SO4 O . -30.89 36.27 23.20
O1 SO4 O . -29.80 36.41 22.23
O2 SO4 O . -30.70 35.01 23.93
O3 SO4 O . -32.23 36.27 22.56
O4 SO4 O . -30.86 37.34 24.21
S SO4 P . -10.65 36.79 15.79
O1 SO4 P . -10.24 35.36 15.87
O2 SO4 P . -10.86 37.36 17.16
O3 SO4 P . -11.91 36.81 14.96
O4 SO4 P . -9.57 37.52 15.06
S SO4 Q . -9.81 20.56 28.52
O1 SO4 Q . -10.76 19.78 27.55
O2 SO4 Q . -8.78 19.66 29.10
O3 SO4 Q . -10.62 21.28 29.56
O4 SO4 Q . -9.11 21.62 27.75
S SO4 R . -25.94 4.58 18.92
O1 SO4 R . -26.20 3.56 17.86
O2 SO4 R . -25.62 3.86 20.16
O3 SO4 R . -27.18 5.35 19.13
O4 SO4 R . -24.82 5.43 18.54
#